data_1VTY
# 
_entry.id   1VTY 
# 
_audit_conform.dict_name       mmcif_pdbx.dic 
_audit_conform.dict_version    5.383 
_audit_conform.dict_location   http://mmcif.pdb.org/dictionaries/ascii/mmcif_pdbx.dic 
# 
loop_
_database_2.database_id 
_database_2.database_code 
_database_2.pdbx_database_accession 
_database_2.pdbx_DOI 
PDB   1VTY         pdb_00001vty 10.2210/pdb1vty/pdb 
NDB   ZDFB11       ?            ?                   
RCSB  RCSB003054   ?            ?                   
WWPDB D_1000003054 ?            ?                   
# 
loop_
_pdbx_audit_revision_history.ordinal 
_pdbx_audit_revision_history.data_content_type 
_pdbx_audit_revision_history.major_revision 
_pdbx_audit_revision_history.minor_revision 
_pdbx_audit_revision_history.revision_date 
1 'Structure model' 1 0 2011-07-13 
2 'Structure model' 1 1 2018-10-10 
3 'Structure model' 1 2 2023-12-27 
# 
_pdbx_audit_revision_details.ordinal             1 
_pdbx_audit_revision_details.revision_ordinal    1 
_pdbx_audit_revision_details.data_content_type   'Structure model' 
_pdbx_audit_revision_details.provider            repository 
_pdbx_audit_revision_details.type                'Initial release' 
_pdbx_audit_revision_details.description         ? 
_pdbx_audit_revision_details.details             ? 
# 
loop_
_pdbx_audit_revision_group.ordinal 
_pdbx_audit_revision_group.revision_ordinal 
_pdbx_audit_revision_group.data_content_type 
_pdbx_audit_revision_group.group 
1 2 'Structure model' 'Data collection'      
2 2 'Structure model' 'Database references'  
3 2 'Structure model' 'Source and taxonomy'  
4 3 'Structure model' 'Data collection'      
5 3 'Structure model' 'Database references'  
6 3 'Structure model' 'Derived calculations' 
# 
loop_
_pdbx_audit_revision_category.ordinal 
_pdbx_audit_revision_category.revision_ordinal 
_pdbx_audit_revision_category.data_content_type 
_pdbx_audit_revision_category.category 
1 2 'Structure model' citation               
2 2 'Structure model' citation_author        
3 2 'Structure model' pdbx_entity_src_syn    
4 3 'Structure model' chem_comp_atom         
5 3 'Structure model' chem_comp_bond         
6 3 'Structure model' database_2             
7 3 'Structure model' pdbx_struct_conn_angle 
8 3 'Structure model' struct_conn            
9 3 'Structure model' struct_site            
# 
loop_
_pdbx_audit_revision_item.ordinal 
_pdbx_audit_revision_item.revision_ordinal 
_pdbx_audit_revision_item.data_content_type 
_pdbx_audit_revision_item.item 
1  2 'Structure model' '_citation.journal_abbrev'                  
2  2 'Structure model' '_citation.pdbx_database_id_DOI'            
3  2 'Structure model' '_citation.pdbx_database_id_PubMed'         
4  2 'Structure model' '_citation.title'                           
5  2 'Structure model' '_citation_author.name'                     
6  3 'Structure model' '_database_2.pdbx_DOI'                      
7  3 'Structure model' '_database_2.pdbx_database_accession'       
8  3 'Structure model' '_pdbx_struct_conn_angle.ptnr1_auth_seq_id' 
9  3 'Structure model' '_pdbx_struct_conn_angle.ptnr3_auth_seq_id' 
10 3 'Structure model' '_pdbx_struct_conn_angle.value'             
11 3 'Structure model' '_struct_conn.pdbx_dist_value'              
12 3 'Structure model' '_struct_conn.pdbx_leaving_atom_flag'       
13 3 'Structure model' '_struct_conn.ptnr2_auth_seq_id'            
14 3 'Structure model' '_struct_site.pdbx_auth_asym_id'            
15 3 'Structure model' '_struct_site.pdbx_auth_comp_id'            
16 3 'Structure model' '_struct_site.pdbx_auth_seq_id'             
# 
_pdbx_database_status.status_code                     REL 
_pdbx_database_status.entry_id                        1VTY 
_pdbx_database_status.recvd_initial_deposition_date   1988-08-18 
_pdbx_database_status.deposit_site                    RCSB 
_pdbx_database_status.process_site                    RCSB 
_pdbx_database_status.SG_entry                        . 
_pdbx_database_status.status_code_sf                  ? 
_pdbx_database_status.status_code_mr                  ? 
_pdbx_database_status.status_code_cs                  ? 
_pdbx_database_status.pdb_format_compatible           Y 
_pdbx_database_status.methods_development_category    ? 
_pdbx_database_status.status_code_nmr_data            ? 
# 
loop_
_audit_author.name 
_audit_author.pdbx_ordinal 
'Coll, M.'            1 
'Wang, A.H.-J.'       2 
'Van Der Marel, G.A.' 3 
'Van Boom, J.H.'      4 
'Rich, A.'            5 
# 
_citation.id                        primary 
_citation.title                     'Crystal structure of a Z-DNA fragment containing thymine/2-aminoadenine base pairs.' 
_citation.journal_abbrev            'J. Biomol. Struct. Dyn.' 
_citation.journal_volume            4 
_citation.page_first                157 
_citation.page_last                 172 
_citation.year                      1986 
_citation.journal_id_ASTM           JBSDD6 
_citation.country                   US 
_citation.journal_id_ISSN           0739-1102 
_citation.journal_id_CSD            0646 
_citation.book_publisher            ? 
_citation.pdbx_database_id_PubMed   3271437 
_citation.pdbx_database_id_DOI      10.1080/07391102.1986.10506337 
# 
loop_
_citation_author.citation_id 
_citation_author.name 
_citation_author.ordinal 
_citation_author.identifier_ORCID 
primary 'Coll, M.'            1 ? 
primary 'Wang, A.H.'          2 ? 
primary 'van der Marel, G.A.' 3 ? 
primary 'van Boom, J.H.'      4 ? 
primary 'Rich, A.'            5 ? 
# 
loop_
_entity.id 
_entity.type 
_entity.src_method 
_entity.pdbx_description 
_entity.formula_weight 
_entity.pdbx_number_of_molecules 
_entity.pdbx_ec 
_entity.pdbx_mutation 
_entity.pdbx_fragment 
_entity.details 
1 polymer     syn 
;DNA (5'-D(*CP*(NH2)AP*CP*GP*TP*G)-3')
;
1824.231 2  ? ? ? ? 
2 non-polymer syn 'AMINO GROUP'                           16.023   2  ? ? ? ? 
3 non-polymer syn 'MAGNESIUM ION'                         24.305   1  ? ? ? ? 
4 water       nat water                                   18.015   83 ? ? ? ? 
# 
_entity_poly.entity_id                      1 
_entity_poly.type                           polydeoxyribonucleotide 
_entity_poly.nstd_linkage                   no 
_entity_poly.nstd_monomer                   yes 
_entity_poly.pdbx_seq_one_letter_code       '(DC)(1AP)(DC)(DG)(DT)(DG)' 
_entity_poly.pdbx_seq_one_letter_code_can   CACGTG 
_entity_poly.pdbx_strand_id                 A,B 
_entity_poly.pdbx_target_identifier         ? 
# 
loop_
_pdbx_entity_nonpoly.entity_id 
_pdbx_entity_nonpoly.name 
_pdbx_entity_nonpoly.comp_id 
2 'AMINO GROUP'   NH2 
3 'MAGNESIUM ION' MG  
4 water           HOH 
# 
loop_
_entity_poly_seq.entity_id 
_entity_poly_seq.num 
_entity_poly_seq.mon_id 
_entity_poly_seq.hetero 
1 1 DC  n 
1 2 1AP n 
1 3 DC  n 
1 4 DG  n 
1 5 DT  n 
1 6 DG  n 
# 
_pdbx_entity_src_syn.entity_id              1 
_pdbx_entity_src_syn.pdbx_src_id            1 
_pdbx_entity_src_syn.pdbx_alt_source_flag   sample 
_pdbx_entity_src_syn.pdbx_beg_seq_num       ? 
_pdbx_entity_src_syn.pdbx_end_seq_num       ? 
_pdbx_entity_src_syn.organism_scientific    'synthetic construct' 
_pdbx_entity_src_syn.organism_common_name   ? 
_pdbx_entity_src_syn.ncbi_taxonomy_id       32630 
_pdbx_entity_src_syn.details                ? 
# 
loop_
_chem_comp.id 
_chem_comp.type 
_chem_comp.mon_nstd_flag 
_chem_comp.name 
_chem_comp.pdbx_synonyms 
_chem_comp.formula 
_chem_comp.formula_weight 
1AP 'DNA linking' n '2,6-DIAMINOPURINE NUCLEOTIDE'       ? 'C10 H15 N6 O6 P' 346.236 
DC  'DNA linking' y "2'-DEOXYCYTIDINE-5'-MONOPHOSPHATE"  ? 'C9 H14 N3 O7 P'  307.197 
DG  'DNA linking' y "2'-DEOXYGUANOSINE-5'-MONOPHOSPHATE" ? 'C10 H14 N5 O7 P' 347.221 
DT  'DNA linking' y "THYMIDINE-5'-MONOPHOSPHATE"         ? 'C10 H15 N2 O8 P' 322.208 
HOH non-polymer   . WATER                                ? 'H2 O'            18.015  
MG  non-polymer   . 'MAGNESIUM ION'                      ? 'Mg 2'            24.305  
NH2 non-polymer   . 'AMINO GROUP'                        ? 'H2 N'            16.023  
# 
loop_
_pdbx_poly_seq_scheme.asym_id 
_pdbx_poly_seq_scheme.entity_id 
_pdbx_poly_seq_scheme.seq_id 
_pdbx_poly_seq_scheme.mon_id 
_pdbx_poly_seq_scheme.ndb_seq_num 
_pdbx_poly_seq_scheme.pdb_seq_num 
_pdbx_poly_seq_scheme.auth_seq_num 
_pdbx_poly_seq_scheme.pdb_mon_id 
_pdbx_poly_seq_scheme.auth_mon_id 
_pdbx_poly_seq_scheme.pdb_strand_id 
_pdbx_poly_seq_scheme.pdb_ins_code 
_pdbx_poly_seq_scheme.hetero 
A 1 1 DC  1 1  1  DC  DC  A . n 
A 1 2 1AP 2 2  2  1AP 1AP A . n 
A 1 3 DC  3 3  3  DC  DC  A . n 
A 1 4 DG  4 4  4  DG  DG  A . n 
A 1 5 DT  5 5  5  DT  T   A . n 
A 1 6 DG  6 6  6  DG  DG  A . n 
B 1 1 DC  1 7  7  DC  DC  B . n 
B 1 2 1AP 2 8  8  1AP 1AP B . n 
B 1 3 DC  3 9  9  DC  DC  B . n 
B 1 4 DG  4 10 10 DG  DG  B . n 
B 1 5 DT  5 11 11 DT  T   B . n 
B 1 6 DG  6 12 12 DG  DG  B . n 
# 
loop_
_pdbx_nonpoly_scheme.asym_id 
_pdbx_nonpoly_scheme.entity_id 
_pdbx_nonpoly_scheme.mon_id 
_pdbx_nonpoly_scheme.ndb_seq_num 
_pdbx_nonpoly_scheme.pdb_seq_num 
_pdbx_nonpoly_scheme.auth_seq_num 
_pdbx_nonpoly_scheme.pdb_mon_id 
_pdbx_nonpoly_scheme.auth_mon_id 
_pdbx_nonpoly_scheme.pdb_strand_id 
_pdbx_nonpoly_scheme.pdb_ins_code 
C 2 NH2 1  7  7  NH2 NH2 A . 
D 3 MG  1  13 13 MG  MG  B . 
E 2 NH2 1  14 14 NH2 NH2 B . 
F 4 HOH 1  16 16 HOH HOH A . 
F 4 HOH 2  22 22 HOH HOH A . 
F 4 HOH 3  23 23 HOH HOH A . 
F 4 HOH 4  24 24 HOH HOH A . 
F 4 HOH 5  25 25 HOH HOH A . 
F 4 HOH 6  27 27 HOH HOH A . 
F 4 HOH 7  30 30 HOH HOH A . 
F 4 HOH 8  34 34 HOH HOH A . 
F 4 HOH 9  35 35 HOH HOH A . 
F 4 HOH 10 40 40 HOH HOH A . 
F 4 HOH 11 41 41 HOH HOH A . 
F 4 HOH 12 42 42 HOH HOH A . 
F 4 HOH 13 44 44 HOH HOH A . 
F 4 HOH 14 45 45 HOH HOH A . 
F 4 HOH 15 46 46 HOH HOH A . 
F 4 HOH 16 47 47 HOH HOH A . 
F 4 HOH 17 48 48 HOH HOH A . 
F 4 HOH 18 53 53 HOH HOH A . 
F 4 HOH 19 54 54 HOH HOH A . 
F 4 HOH 20 55 55 HOH HOH A . 
F 4 HOH 21 57 57 HOH HOH A . 
F 4 HOH 22 58 58 HOH HOH A . 
F 4 HOH 23 59 59 HOH HOH A . 
F 4 HOH 24 61 61 HOH HOH A . 
F 4 HOH 25 62 62 HOH HOH A . 
F 4 HOH 26 65 65 HOH HOH A . 
F 4 HOH 27 66 66 HOH HOH A . 
F 4 HOH 28 67 67 HOH HOH A . 
F 4 HOH 29 68 68 HOH HOH A . 
F 4 HOH 30 70 70 HOH HOH A . 
F 4 HOH 31 71 71 HOH HOH A . 
F 4 HOH 32 72 72 HOH HOH A . 
F 4 HOH 33 73 73 HOH HOH A . 
F 4 HOH 34 75 75 HOH HOH A . 
F 4 HOH 35 77 77 HOH HOH A . 
F 4 HOH 36 81 81 HOH HOH A . 
F 4 HOH 37 83 83 HOH HOH A . 
F 4 HOH 38 84 84 HOH HOH A . 
F 4 HOH 39 86 86 HOH HOH A . 
F 4 HOH 40 89 89 HOH HOH A . 
G 4 HOH 1  15 15 HOH HOH B . 
G 4 HOH 2  16 16 HOH HOH B . 
G 4 HOH 3  17 17 HOH HOH B . 
G 4 HOH 4  18 18 HOH HOH B . 
G 4 HOH 5  19 19 HOH HOH B . 
G 4 HOH 6  20 20 HOH HOH B . 
G 4 HOH 7  21 21 HOH HOH B . 
G 4 HOH 8  26 26 HOH HOH B . 
G 4 HOH 9  28 28 HOH HOH B . 
G 4 HOH 10 29 29 HOH HOH B . 
G 4 HOH 11 31 31 HOH HOH B . 
G 4 HOH 12 32 32 HOH HOH B . 
G 4 HOH 13 33 33 HOH HOH B . 
G 4 HOH 14 36 36 HOH HOH B . 
G 4 HOH 15 37 37 HOH HOH B . 
G 4 HOH 16 38 38 HOH HOH B . 
G 4 HOH 17 39 39 HOH HOH B . 
G 4 HOH 18 43 43 HOH HOH B . 
G 4 HOH 19 49 49 HOH HOH B . 
G 4 HOH 20 50 50 HOH HOH B . 
G 4 HOH 21 51 51 HOH HOH B . 
G 4 HOH 22 52 52 HOH HOH B . 
G 4 HOH 23 56 56 HOH HOH B . 
G 4 HOH 24 60 60 HOH HOH B . 
G 4 HOH 25 63 63 HOH HOH B . 
G 4 HOH 26 64 64 HOH HOH B . 
G 4 HOH 27 69 69 HOH HOH B . 
G 4 HOH 28 74 74 HOH HOH B . 
G 4 HOH 29 76 76 HOH HOH B . 
G 4 HOH 30 78 78 HOH HOH B . 
G 4 HOH 31 79 79 HOH HOH B . 
G 4 HOH 32 80 80 HOH HOH B . 
G 4 HOH 33 82 82 HOH HOH B . 
G 4 HOH 34 85 85 HOH HOH B . 
G 4 HOH 35 87 87 HOH HOH B . 
G 4 HOH 36 88 88 HOH HOH B . 
G 4 HOH 37 90 90 HOH HOH B . 
G 4 HOH 38 91 91 HOH HOH B . 
G 4 HOH 39 92 92 HOH HOH B . 
G 4 HOH 40 93 93 HOH HOH B . 
G 4 HOH 41 94 94 HOH HOH B . 
G 4 HOH 42 95 95 HOH HOH B . 
G 4 HOH 43 96 96 HOH HOH B . 
# 
loop_
_pdbx_unobs_or_zero_occ_atoms.id 
_pdbx_unobs_or_zero_occ_atoms.PDB_model_num 
_pdbx_unobs_or_zero_occ_atoms.polymer_flag 
_pdbx_unobs_or_zero_occ_atoms.occupancy_flag 
_pdbx_unobs_or_zero_occ_atoms.auth_asym_id 
_pdbx_unobs_or_zero_occ_atoms.auth_comp_id 
_pdbx_unobs_or_zero_occ_atoms.auth_seq_id 
_pdbx_unobs_or_zero_occ_atoms.PDB_ins_code 
_pdbx_unobs_or_zero_occ_atoms.auth_atom_id 
_pdbx_unobs_or_zero_occ_atoms.label_alt_id 
_pdbx_unobs_or_zero_occ_atoms.label_asym_id 
_pdbx_unobs_or_zero_occ_atoms.label_comp_id 
_pdbx_unobs_or_zero_occ_atoms.label_seq_id 
_pdbx_unobs_or_zero_occ_atoms.label_atom_id 
1 1 Y 1 A 1AP 2 ? N2 ? A 1AP 2 N2 
2 1 Y 1 B 1AP 8 ? N2 ? B 1AP 2 N2 
# 
_software.name             NUCLSQ 
_software.classification   refinement 
_software.version          . 
_software.citation_id      ? 
_software.pdbx_ordinal     1 
# 
_cell.entry_id           1VTY 
_cell.length_a           17.860 
_cell.length_b           31.040 
_cell.length_c           44.760 
_cell.angle_alpha        90.00 
_cell.angle_beta         90.00 
_cell.angle_gamma        90.00 
_cell.Z_PDB              8 
_cell.pdbx_unique_axis   ? 
_cell.length_a_esd       ? 
_cell.length_b_esd       ? 
_cell.length_c_esd       ? 
_cell.angle_alpha_esd    ? 
_cell.angle_beta_esd     ? 
_cell.angle_gamma_esd    ? 
# 
_symmetry.entry_id                         1VTY 
_symmetry.space_group_name_H-M             'P 21 21 21' 
_symmetry.pdbx_full_space_group_name_H-M   ? 
_symmetry.cell_setting                     ? 
_symmetry.Int_Tables_number                19 
_symmetry.space_group_name_Hall            ? 
# 
_exptl.entry_id          1VTY 
_exptl.method            'X-RAY DIFFRACTION' 
_exptl.crystals_number   ? 
# 
_exptl_crystal.id                    1 
_exptl_crystal.density_meas          ? 
_exptl_crystal.density_percent_sol   27.66 
_exptl_crystal.density_Matthews      1.70 
_exptl_crystal.description           ? 
_exptl_crystal.F_000                 ? 
_exptl_crystal.preparation           ? 
# 
_exptl_crystal_grow.crystal_id      1 
_exptl_crystal_grow.method          'VAPOR DIFFUSION' 
_exptl_crystal_grow.temp            ? 
_exptl_crystal_grow.temp_details    'ROOM TEMPERATURE' 
_exptl_crystal_grow.pH              ? 
_exptl_crystal_grow.pdbx_details    'VAPOR DIFFUSION' 
_exptl_crystal_grow.pdbx_pH_range   ? 
# 
loop_
_exptl_crystal_grow_comp.crystal_id 
_exptl_crystal_grow_comp.id 
_exptl_crystal_grow_comp.sol_id 
_exptl_crystal_grow_comp.name 
_exptl_crystal_grow_comp.volume 
_exptl_crystal_grow_comp.conc 
_exptl_crystal_grow_comp.details 
1 1 1 WATER           1  2  3  
1 2 1 MPD             4  5  6  
1 3 1 'NA CACODYLATE' 7  8  9  
1 4 1 MGCL2           10 11 12 
1 5 2 WATER           13 14 15 
1 6 2 MPD             16 17 18 
# 
_diffrn.id                     1 
_diffrn.ambient_temp           288.00 
_diffrn.ambient_temp_details   ? 
_diffrn.crystal_id             1 
# 
_diffrn_detector.diffrn_id              1 
_diffrn_detector.detector               DIFFRACTOMETER 
_diffrn_detector.type                   'NICOLET P3' 
_diffrn_detector.pdbx_collection_date   ? 
_diffrn_detector.details                ? 
# 
_diffrn_radiation.diffrn_id                        1 
_diffrn_radiation.wavelength_id                    1 
_diffrn_radiation.pdbx_monochromatic_or_laue_m_l   M 
_diffrn_radiation.monochromator                    ? 
_diffrn_radiation.pdbx_diffrn_protocol             'SINGLE WAVELENGTH' 
_diffrn_radiation.pdbx_scattering_type             x-ray 
# 
_diffrn_radiation_wavelength.id           1 
_diffrn_radiation_wavelength.wavelength   . 
_diffrn_radiation_wavelength.wt           1.0 
# 
_reflns.entry_id                     1VTY 
_reflns.observed_criterion_sigma_I   1.500 
_reflns.observed_criterion_sigma_F   ? 
_reflns.d_resolution_low             ? 
_reflns.d_resolution_high            1.300 
_reflns.number_obs                   3739 
_reflns.number_all                   ? 
_reflns.percent_possible_obs         ? 
_reflns.pdbx_Rmerge_I_obs            ? 
_reflns.pdbx_Rsym_value              ? 
_reflns.pdbx_netI_over_sigmaI        ? 
_reflns.B_iso_Wilson_estimate        ? 
_reflns.pdbx_redundancy              ? 
_reflns.R_free_details               ? 
_reflns.pdbx_ordinal                 1 
_reflns.pdbx_diffrn_id               1 
_reflns.pdbx_chi_squared             ? 
_reflns.pdbx_scaling_rejects         ? 
# 
_refine.entry_id                                 1VTY 
_refine.ls_number_reflns_obs                     3739 
_refine.ls_number_reflns_all                     ? 
_refine.pdbx_ls_sigma_I                          1.500 
_refine.pdbx_ls_sigma_F                          ? 
_refine.pdbx_data_cutoff_high_absF               ? 
_refine.pdbx_data_cutoff_low_absF                ? 
_refine.pdbx_data_cutoff_high_rms_absF           ? 
_refine.ls_d_res_low                             ? 
_refine.ls_d_res_high                            1.300 
_refine.ls_percent_reflns_obs                    ? 
_refine.ls_R_factor_obs                          0.2170000 
_refine.ls_R_factor_all                          ? 
_refine.ls_R_factor_R_work                       ? 
_refine.ls_R_factor_R_free                       ? 
_refine.ls_R_factor_R_free_error                 ? 
_refine.ls_R_factor_R_free_error_details         ? 
_refine.ls_percent_reflns_R_free                 ? 
_refine.ls_number_reflns_R_free                  ? 
_refine.ls_number_parameters                     ? 
_refine.ls_number_restraints                     ? 
_refine.occupancy_min                            ? 
_refine.occupancy_max                            ? 
_refine.B_iso_mean                               ? 
_refine.aniso_B[1][1]                            ? 
_refine.aniso_B[2][2]                            ? 
_refine.aniso_B[3][3]                            ? 
_refine.aniso_B[1][2]                            ? 
_refine.aniso_B[1][3]                            ? 
_refine.aniso_B[2][3]                            ? 
_refine.solvent_model_details                    ? 
_refine.solvent_model_param_ksol                 ? 
_refine.solvent_model_param_bsol                 ? 
_refine.pdbx_ls_cross_valid_method               ? 
_refine.details                                  ? 
_refine.pdbx_starting_model                      ? 
_refine.pdbx_method_to_determine_struct          ? 
_refine.pdbx_isotropic_thermal_model             ? 
_refine.pdbx_stereochemistry_target_values       ? 
_refine.pdbx_stereochem_target_val_spec_case     ? 
_refine.pdbx_R_Free_selection_details            ? 
_refine.pdbx_overall_ESU_R_Free                  ? 
_refine.overall_SU_ML                            ? 
_refine.overall_SU_B                             ? 
_refine.ls_redundancy_reflns_obs                 ? 
_refine.correlation_coeff_Fo_to_Fc               ? 
_refine.correlation_coeff_Fo_to_Fc_free          ? 
_refine.overall_SU_R_Cruickshank_DPI             ? 
_refine.overall_SU_R_free                        ? 
_refine.pdbx_refine_id                           'X-RAY DIFFRACTION' 
_refine.pdbx_diffrn_id                           1 
_refine.pdbx_overall_phase_error                 ? 
_refine.pdbx_solvent_vdw_probe_radii             ? 
_refine.pdbx_solvent_ion_probe_radii             ? 
_refine.pdbx_solvent_shrinkage_radii             ? 
_refine.ls_wR_factor_R_free                      ? 
_refine.ls_wR_factor_R_work                      ? 
_refine.overall_FOM_free_R_set                   ? 
_refine.overall_FOM_work_R_set                   ? 
_refine.pdbx_overall_ESU_R                       ? 
_refine.pdbx_TLS_residual_ADP_flag               ? 
_refine.pdbx_overall_SU_R_free_Cruickshank_DPI   ? 
_refine.pdbx_overall_SU_R_Blow_DPI               ? 
_refine.pdbx_overall_SU_R_free_Blow_DPI          ? 
# 
_refine_hist.pdbx_refine_id                   'X-RAY DIFFRACTION' 
_refine_hist.cycle_id                         LAST 
_refine_hist.pdbx_number_atoms_protein        0 
_refine_hist.pdbx_number_atoms_nucleic_acid   240 
_refine_hist.pdbx_number_atoms_ligand         3 
_refine_hist.number_atoms_solvent             83 
_refine_hist.number_atoms_total               326 
_refine_hist.d_res_high                       1.300 
_refine_hist.d_res_low                        . 
# 
_struct.entry_id                  1VTY 
_struct.title                     'Crystal structure of a Z-DNA fragment containing thymine/2-aminoadenine base pairs' 
_struct.pdbx_model_details        ? 
_struct.pdbx_CASP_flag            ? 
_struct.pdbx_model_type_details   ? 
# 
_struct_keywords.entry_id        1VTY 
_struct_keywords.pdbx_keywords   DNA 
_struct_keywords.text            'Z-DNA, DOUBLE HELIX, MODIFIED, DNA' 
# 
loop_
_struct_asym.id 
_struct_asym.pdbx_blank_PDB_chainid_flag 
_struct_asym.pdbx_modified 
_struct_asym.entity_id 
_struct_asym.details 
A N N 1 ? 
B N N 1 ? 
C N N 2 ? 
D N N 3 ? 
E N N 2 ? 
F N N 4 ? 
G N N 4 ? 
# 
_struct_ref.id                         1 
_struct_ref.db_name                    PDB 
_struct_ref.db_code                    1VTY 
_struct_ref.pdbx_db_accession          1VTY 
_struct_ref.entity_id                  1 
_struct_ref.pdbx_align_begin           ? 
_struct_ref.pdbx_seq_one_letter_code   CACGTG 
_struct_ref.pdbx_db_isoform            ? 
# 
loop_
_struct_ref_seq.align_id 
_struct_ref_seq.ref_id 
_struct_ref_seq.pdbx_PDB_id_code 
_struct_ref_seq.pdbx_strand_id 
_struct_ref_seq.seq_align_beg 
_struct_ref_seq.pdbx_seq_align_beg_ins_code 
_struct_ref_seq.seq_align_end 
_struct_ref_seq.pdbx_seq_align_end_ins_code 
_struct_ref_seq.pdbx_db_accession 
_struct_ref_seq.db_align_beg 
_struct_ref_seq.pdbx_db_align_beg_ins_code 
_struct_ref_seq.db_align_end 
_struct_ref_seq.pdbx_db_align_end_ins_code 
_struct_ref_seq.pdbx_auth_seq_align_beg 
_struct_ref_seq.pdbx_auth_seq_align_end 
1 1 1VTY A 1 ? 6 ? 1VTY 1 ? 6  ? 1 6  
2 1 1VTY B 1 ? 6 ? 1VTY 7 ? 12 ? 7 12 
# 
_pdbx_struct_assembly.id                   1 
_pdbx_struct_assembly.details              author_defined_assembly 
_pdbx_struct_assembly.method_details       ? 
_pdbx_struct_assembly.oligomeric_details   dimeric 
_pdbx_struct_assembly.oligomeric_count     2 
# 
_pdbx_struct_assembly_gen.assembly_id       1 
_pdbx_struct_assembly_gen.oper_expression   1 
_pdbx_struct_assembly_gen.asym_id_list      A,B,C,D,E,F,G 
# 
_pdbx_struct_oper_list.id                   1 
_pdbx_struct_oper_list.type                 'identity operation' 
_pdbx_struct_oper_list.name                 1_555 
_pdbx_struct_oper_list.symmetry_operation   x,y,z 
_pdbx_struct_oper_list.matrix[1][1]         1.0000000000 
_pdbx_struct_oper_list.matrix[1][2]         0.0000000000 
_pdbx_struct_oper_list.matrix[1][3]         0.0000000000 
_pdbx_struct_oper_list.vector[1]            0.0000000000 
_pdbx_struct_oper_list.matrix[2][1]         0.0000000000 
_pdbx_struct_oper_list.matrix[2][2]         1.0000000000 
_pdbx_struct_oper_list.matrix[2][3]         0.0000000000 
_pdbx_struct_oper_list.vector[2]            0.0000000000 
_pdbx_struct_oper_list.matrix[3][1]         0.0000000000 
_pdbx_struct_oper_list.matrix[3][2]         0.0000000000 
_pdbx_struct_oper_list.matrix[3][3]         1.0000000000 
_pdbx_struct_oper_list.vector[3]            0.0000000000 
# 
loop_
_struct_conn.id 
_struct_conn.conn_type_id 
_struct_conn.pdbx_leaving_atom_flag 
_struct_conn.pdbx_PDB_id 
_struct_conn.ptnr1_label_asym_id 
_struct_conn.ptnr1_label_comp_id 
_struct_conn.ptnr1_label_seq_id 
_struct_conn.ptnr1_label_atom_id 
_struct_conn.pdbx_ptnr1_label_alt_id 
_struct_conn.pdbx_ptnr1_PDB_ins_code 
_struct_conn.pdbx_ptnr1_standard_comp_id 
_struct_conn.ptnr1_symmetry 
_struct_conn.ptnr2_label_asym_id 
_struct_conn.ptnr2_label_comp_id 
_struct_conn.ptnr2_label_seq_id 
_struct_conn.ptnr2_label_atom_id 
_struct_conn.pdbx_ptnr2_label_alt_id 
_struct_conn.pdbx_ptnr2_PDB_ins_code 
_struct_conn.ptnr1_auth_asym_id 
_struct_conn.ptnr1_auth_comp_id 
_struct_conn.ptnr1_auth_seq_id 
_struct_conn.ptnr2_auth_asym_id 
_struct_conn.ptnr2_auth_comp_id 
_struct_conn.ptnr2_auth_seq_id 
_struct_conn.ptnr2_symmetry 
_struct_conn.pdbx_ptnr3_label_atom_id 
_struct_conn.pdbx_ptnr3_label_seq_id 
_struct_conn.pdbx_ptnr3_label_comp_id 
_struct_conn.pdbx_ptnr3_label_asym_id 
_struct_conn.pdbx_ptnr3_label_alt_id 
_struct_conn.pdbx_ptnr3_PDB_ins_code 
_struct_conn.details 
_struct_conn.pdbx_dist_value 
_struct_conn.pdbx_value_order 
_struct_conn.pdbx_role 
covale1  covale both ? A DC 1 "O3'" ? ? ? 1_555 A 1AP 2 P  ? ? A DC 1  A 1AP 2  1_555 ? ? ? ? ? ? ?            1.645 ? ? 
covale2  covale both ? B DC 1 "O3'" ? ? ? 1_555 B 1AP 2 P  ? ? B DC 7  B 1AP 8  1_555 ? ? ? ? ? ? ?            1.554 ? ? 
metalc1  metalc ?    ? D MG . MG    ? ? ? 1_555 G HOH . O  ? ? B MG 13 B HOH 91 1_555 ? ? ? ? ? ? ?            1.985 ? ? 
metalc2  metalc ?    ? D MG . MG    ? ? ? 1_555 G HOH . O  ? ? B MG 13 B HOH 92 1_555 ? ? ? ? ? ? ?            2.446 ? ? 
metalc3  metalc ?    ? D MG . MG    ? ? ? 1_555 G HOH . O  ? ? B MG 13 B HOH 93 1_555 ? ? ? ? ? ? ?            1.935 ? ? 
metalc4  metalc ?    ? D MG . MG    ? ? ? 1_555 G HOH . O  ? ? B MG 13 B HOH 94 1_555 ? ? ? ? ? ? ?            2.092 ? ? 
metalc5  metalc ?    ? D MG . MG    ? ? ? 1_555 G HOH . O  ? ? B MG 13 B HOH 96 1_555 ? ? ? ? ? ? ?            2.006 ? ? 
hydrog1  hydrog ?    ? A DC 1 N3    ? ? ? 1_555 B DG  6 N1 ? ? A DC 1  B DG  12 1_555 ? ? ? ? ? ? WATSON-CRICK ?     ? ? 
hydrog2  hydrog ?    ? A DC 1 N4    ? ? ? 1_555 B DG  6 O6 ? ? A DC 1  B DG  12 1_555 ? ? ? ? ? ? WATSON-CRICK ?     ? ? 
hydrog3  hydrog ?    ? A DC 1 O2    ? ? ? 1_555 B DG  6 N2 ? ? A DC 1  B DG  12 1_555 ? ? ? ? ? ? WATSON-CRICK ?     ? ? 
hydrog4  hydrog ?    ? A DC 3 N3    ? ? ? 1_555 B DG  4 N1 ? ? A DC 3  B DG  10 1_555 ? ? ? ? ? ? WATSON-CRICK ?     ? ? 
hydrog5  hydrog ?    ? A DC 3 N4    ? ? ? 1_555 B DG  4 O6 ? ? A DC 3  B DG  10 1_555 ? ? ? ? ? ? WATSON-CRICK ?     ? ? 
hydrog6  hydrog ?    ? A DC 3 O2    ? ? ? 1_555 B DG  4 N2 ? ? A DC 3  B DG  10 1_555 ? ? ? ? ? ? WATSON-CRICK ?     ? ? 
hydrog7  hydrog ?    ? A DG 4 N1    ? ? ? 1_555 B DC  3 N3 ? ? A DG 4  B DC  9  1_555 ? ? ? ? ? ? WATSON-CRICK ?     ? ? 
hydrog8  hydrog ?    ? A DG 4 N2    ? ? ? 1_555 B DC  3 O2 ? ? A DG 4  B DC  9  1_555 ? ? ? ? ? ? WATSON-CRICK ?     ? ? 
hydrog9  hydrog ?    ? A DG 4 O6    ? ? ? 1_555 B DC  3 N4 ? ? A DG 4  B DC  9  1_555 ? ? ? ? ? ? WATSON-CRICK ?     ? ? 
hydrog10 hydrog ?    ? A DG 6 N1    ? ? ? 1_555 B DC  1 N3 ? ? A DG 6  B DC  7  1_555 ? ? ? ? ? ? WATSON-CRICK ?     ? ? 
hydrog11 hydrog ?    ? A DG 6 N2    ? ? ? 1_555 B DC  1 O2 ? ? A DG 6  B DC  7  1_555 ? ? ? ? ? ? WATSON-CRICK ?     ? ? 
hydrog12 hydrog ?    ? A DG 6 O6    ? ? ? 1_555 B DC  1 N4 ? ? A DG 6  B DC  7  1_555 ? ? ? ? ? ? WATSON-CRICK ?     ? ? 
# 
loop_
_struct_conn_type.id 
_struct_conn_type.criteria 
_struct_conn_type.reference 
covale ? ? 
metalc ? ? 
hydrog ? ? 
# 
loop_
_pdbx_struct_conn_angle.id 
_pdbx_struct_conn_angle.ptnr1_label_atom_id 
_pdbx_struct_conn_angle.ptnr1_label_alt_id 
_pdbx_struct_conn_angle.ptnr1_label_asym_id 
_pdbx_struct_conn_angle.ptnr1_label_comp_id 
_pdbx_struct_conn_angle.ptnr1_label_seq_id 
_pdbx_struct_conn_angle.ptnr1_auth_atom_id 
_pdbx_struct_conn_angle.ptnr1_auth_asym_id 
_pdbx_struct_conn_angle.ptnr1_auth_comp_id 
_pdbx_struct_conn_angle.ptnr1_auth_seq_id 
_pdbx_struct_conn_angle.ptnr1_PDB_ins_code 
_pdbx_struct_conn_angle.ptnr1_symmetry 
_pdbx_struct_conn_angle.ptnr2_label_atom_id 
_pdbx_struct_conn_angle.ptnr2_label_alt_id 
_pdbx_struct_conn_angle.ptnr2_label_asym_id 
_pdbx_struct_conn_angle.ptnr2_label_comp_id 
_pdbx_struct_conn_angle.ptnr2_label_seq_id 
_pdbx_struct_conn_angle.ptnr2_auth_atom_id 
_pdbx_struct_conn_angle.ptnr2_auth_asym_id 
_pdbx_struct_conn_angle.ptnr2_auth_comp_id 
_pdbx_struct_conn_angle.ptnr2_auth_seq_id 
_pdbx_struct_conn_angle.ptnr2_PDB_ins_code 
_pdbx_struct_conn_angle.ptnr2_symmetry 
_pdbx_struct_conn_angle.ptnr3_label_atom_id 
_pdbx_struct_conn_angle.ptnr3_label_alt_id 
_pdbx_struct_conn_angle.ptnr3_label_asym_id 
_pdbx_struct_conn_angle.ptnr3_label_comp_id 
_pdbx_struct_conn_angle.ptnr3_label_seq_id 
_pdbx_struct_conn_angle.ptnr3_auth_atom_id 
_pdbx_struct_conn_angle.ptnr3_auth_asym_id 
_pdbx_struct_conn_angle.ptnr3_auth_comp_id 
_pdbx_struct_conn_angle.ptnr3_auth_seq_id 
_pdbx_struct_conn_angle.ptnr3_PDB_ins_code 
_pdbx_struct_conn_angle.ptnr3_symmetry 
_pdbx_struct_conn_angle.value 
_pdbx_struct_conn_angle.value_esd 
1  O ? G HOH . ? B HOH 91 ? 1_555 MG ? D MG . ? B MG 13 ? 1_555 O ? G HOH . ? B HOH 92 ? 1_555 166.7 ? 
2  O ? G HOH . ? B HOH 91 ? 1_555 MG ? D MG . ? B MG 13 ? 1_555 O ? G HOH . ? B HOH 93 ? 1_555 91.2  ? 
3  O ? G HOH . ? B HOH 92 ? 1_555 MG ? D MG . ? B MG 13 ? 1_555 O ? G HOH . ? B HOH 93 ? 1_555 99.2  ? 
4  O ? G HOH . ? B HOH 91 ? 1_555 MG ? D MG . ? B MG 13 ? 1_555 O ? G HOH . ? B HOH 94 ? 1_555 92.6  ? 
5  O ? G HOH . ? B HOH 92 ? 1_555 MG ? D MG . ? B MG 13 ? 1_555 O ? G HOH . ? B HOH 94 ? 1_555 78.1  ? 
6  O ? G HOH . ? B HOH 93 ? 1_555 MG ? D MG . ? B MG 13 ? 1_555 O ? G HOH . ? B HOH 94 ? 1_555 171.6 ? 
7  O ? G HOH . ? B HOH 91 ? 1_555 MG ? D MG . ? B MG 13 ? 1_555 O ? G HOH . ? B HOH 96 ? 1_555 95.5  ? 
8  O ? G HOH . ? B HOH 92 ? 1_555 MG ? D MG . ? B MG 13 ? 1_555 O ? G HOH . ? B HOH 96 ? 1_555 93.0  ? 
9  O ? G HOH . ? B HOH 93 ? 1_555 MG ? D MG . ? B MG 13 ? 1_555 O ? G HOH . ? B HOH 96 ? 1_555 88.6  ? 
10 O ? G HOH . ? B HOH 94 ? 1_555 MG ? D MG . ? B MG 13 ? 1_555 O ? G HOH . ? B HOH 96 ? 1_555 83.6  ? 
# 
loop_
_struct_site.id 
_struct_site.pdbx_evidence_code 
_struct_site.pdbx_auth_asym_id 
_struct_site.pdbx_auth_comp_id 
_struct_site.pdbx_auth_seq_id 
_struct_site.pdbx_auth_ins_code 
_struct_site.pdbx_num_residues 
_struct_site.details 
AC1 Software A NH2 7  ? 4 'BINDING SITE FOR RESIDUE NH2 A 7'  
AC2 Software B MG  13 ? 6 'BINDING SITE FOR RESIDUE MG B 13'  
AC3 Software B NH2 14 ? 4 'BINDING SITE FOR RESIDUE NH2 B 14' 
# 
loop_
_struct_site_gen.id 
_struct_site_gen.site_id 
_struct_site_gen.pdbx_num_res 
_struct_site_gen.label_comp_id 
_struct_site_gen.label_asym_id 
_struct_site_gen.label_seq_id 
_struct_site_gen.pdbx_auth_ins_code 
_struct_site_gen.auth_comp_id 
_struct_site_gen.auth_asym_id 
_struct_site_gen.auth_seq_id 
_struct_site_gen.label_atom_id 
_struct_site_gen.label_alt_id 
_struct_site_gen.symmetry 
_struct_site_gen.details 
1  AC1 4 DC  A 1 ? DC  A 1  . ? 1_555 ? 
2  AC1 4 1AP A 2 ? 1AP A 2  . ? 1_555 ? 
3  AC1 4 HOH F . ? HOH A 61 . ? 1_555 ? 
4  AC1 4 DT  B 5 ? DT  B 11 . ? 1_555 ? 
5  AC2 6 HOH G . ? HOH B 91 . ? 1_555 ? 
6  AC2 6 HOH G . ? HOH B 92 . ? 1_555 ? 
7  AC2 6 HOH G . ? HOH B 93 . ? 1_555 ? 
8  AC2 6 HOH G . ? HOH B 94 . ? 1_555 ? 
9  AC2 6 HOH G . ? HOH B 95 . ? 4_566 ? 
10 AC2 6 HOH G . ? HOH B 96 . ? 1_555 ? 
11 AC3 4 DT  A 5 ? DT  A 5  . ? 1_555 ? 
12 AC3 4 1AP B 2 ? 1AP B 8  . ? 1_555 ? 
13 AC3 4 DC  B 3 ? DC  B 9  . ? 1_555 ? 
14 AC3 4 HOH G . ? HOH B 20 . ? 1_555 ? 
# 
loop_
_pdbx_validate_close_contact.id 
_pdbx_validate_close_contact.PDB_model_num 
_pdbx_validate_close_contact.auth_atom_id_1 
_pdbx_validate_close_contact.auth_asym_id_1 
_pdbx_validate_close_contact.auth_comp_id_1 
_pdbx_validate_close_contact.auth_seq_id_1 
_pdbx_validate_close_contact.PDB_ins_code_1 
_pdbx_validate_close_contact.label_alt_id_1 
_pdbx_validate_close_contact.auth_atom_id_2 
_pdbx_validate_close_contact.auth_asym_id_2 
_pdbx_validate_close_contact.auth_comp_id_2 
_pdbx_validate_close_contact.auth_seq_id_2 
_pdbx_validate_close_contact.PDB_ins_code_2 
_pdbx_validate_close_contact.label_alt_id_2 
_pdbx_validate_close_contact.dist 
1  1 C2    B 1AP 8  ? ? N B NH2 14 ? ? 1.29 
2  1 C2    A 1AP 2  ? ? N A NH2 7  ? ? 1.29 
3  1 O     A HOH 24 ? ? O A HOH 53 ? ? 1.60 
4  1 N7    B DG  10 ? ? O B HOH 96 ? ? 1.84 
5  1 O     B HOH 20 ? ? O B HOH 85 ? ? 1.93 
6  1 "C2'" B 1AP 8  ? ? O B HOH 17 ? ? 2.03 
7  1 O     A HOH 59 ? ? O A HOH 61 ? ? 2.07 
8  1 O     A HOH 57 ? ? O A HOH 65 ? ? 2.12 
9  1 N1    B 1AP 8  ? ? N B NH2 14 ? ? 2.14 
10 1 N1    A 1AP 2  ? ? N A NH2 7  ? ? 2.17 
11 1 O     B HOH 39 ? ? O B HOH 74 ? ? 2.19 
# 
loop_
_pdbx_validate_symm_contact.id 
_pdbx_validate_symm_contact.PDB_model_num 
_pdbx_validate_symm_contact.auth_atom_id_1 
_pdbx_validate_symm_contact.auth_asym_id_1 
_pdbx_validate_symm_contact.auth_comp_id_1 
_pdbx_validate_symm_contact.auth_seq_id_1 
_pdbx_validate_symm_contact.PDB_ins_code_1 
_pdbx_validate_symm_contact.label_alt_id_1 
_pdbx_validate_symm_contact.site_symmetry_1 
_pdbx_validate_symm_contact.auth_atom_id_2 
_pdbx_validate_symm_contact.auth_asym_id_2 
_pdbx_validate_symm_contact.auth_comp_id_2 
_pdbx_validate_symm_contact.auth_seq_id_2 
_pdbx_validate_symm_contact.PDB_ins_code_2 
_pdbx_validate_symm_contact.label_alt_id_2 
_pdbx_validate_symm_contact.site_symmetry_2 
_pdbx_validate_symm_contact.dist 
1 1 O   A HOH 72 ? ? 1_555 O B HOH 52 ? ? 3_646 1.87 
2 1 N4  A DC  1  ? ? 1_555 O B HOH 29 ? ? 4_566 1.93 
3 1 OP1 A DT  5  ? ? 1_555 O B HOH 76 ? ? 3_746 2.00 
4 1 O   A HOH 55 ? ? 1_555 O A HOH 81 ? ? 4_456 2.13 
# 
loop_
_pdbx_validate_rmsd_bond.id 
_pdbx_validate_rmsd_bond.PDB_model_num 
_pdbx_validate_rmsd_bond.auth_atom_id_1 
_pdbx_validate_rmsd_bond.auth_asym_id_1 
_pdbx_validate_rmsd_bond.auth_comp_id_1 
_pdbx_validate_rmsd_bond.auth_seq_id_1 
_pdbx_validate_rmsd_bond.PDB_ins_code_1 
_pdbx_validate_rmsd_bond.label_alt_id_1 
_pdbx_validate_rmsd_bond.auth_atom_id_2 
_pdbx_validate_rmsd_bond.auth_asym_id_2 
_pdbx_validate_rmsd_bond.auth_comp_id_2 
_pdbx_validate_rmsd_bond.auth_seq_id_2 
_pdbx_validate_rmsd_bond.PDB_ins_code_2 
_pdbx_validate_rmsd_bond.label_alt_id_2 
_pdbx_validate_rmsd_bond.bond_value 
_pdbx_validate_rmsd_bond.bond_target_value 
_pdbx_validate_rmsd_bond.bond_deviation 
_pdbx_validate_rmsd_bond.bond_standard_deviation 
_pdbx_validate_rmsd_bond.linker_flag 
1  1 N3    A DC  1  ? ? C4    A DC 1  ? ? 1.394 1.335 0.059  0.007 N 
2  1 "O3'" A 1AP 2  ? ? P     A DC 3  ? ? 1.746 1.607 0.139  0.012 Y 
3  1 P     A DC  3  ? ? OP1   A DC 3  ? ? 1.618 1.485 0.133  0.017 N 
4  1 P     A DC  3  ? ? "O5'" A DC 3  ? ? 1.664 1.593 0.071  0.010 N 
5  1 N1    A DC  3  ? ? C6    A DC 3  ? ? 1.326 1.367 -0.041 0.006 N 
6  1 N3    A DC  3  ? ? C4    A DC 3  ? ? 1.378 1.335 0.043  0.007 N 
7  1 "O5'" A DG  4  ? ? "C5'" A DG 4  ? ? 1.574 1.440 0.134  0.016 N 
8  1 "O4'" A DG  4  ? ? "C4'" A DG 4  ? ? 1.361 1.446 -0.085 0.010 N 
9  1 "O3'" A DG  4  ? ? "C3'" A DG 4  ? ? 1.376 1.419 -0.043 0.006 N 
10 1 C8    A DG  4  ? ? N9    A DG 4  ? ? 1.325 1.374 -0.049 0.007 N 
11 1 N9    A DG  4  ? ? C4    A DG 4  ? ? 1.439 1.375 0.064  0.008 N 
12 1 P     A DT  5  ? ? OP1   A DT 5  ? ? 1.640 1.485 0.155  0.017 N 
13 1 P     A DT  5  ? ? "O5'" A DT 5  ? ? 1.501 1.593 -0.092 0.010 N 
14 1 "C2'" A DT  5  ? ? "C1'" A DT 5  ? ? 1.442 1.518 -0.076 0.010 N 
15 1 "O4'" A DT  5  ? ? "C1'" A DT 5  ? ? 1.503 1.420 0.083  0.011 N 
16 1 C2    A DT  5  ? ? N3    A DT 5  ? ? 1.306 1.373 -0.067 0.008 N 
17 1 C2    A DT  5  ? ? O2    A DT 5  ? ? 1.275 1.220 0.055  0.008 N 
18 1 C5    A DT  5  ? ? C7    A DT 5  ? ? 1.538 1.496 0.042  0.006 N 
19 1 P     A DG  6  ? ? OP2   A DG 6  ? ? 1.611 1.485 0.126  0.017 N 
20 1 P     A DG  6  ? ? "O5'" A DG 6  ? ? 1.736 1.593 0.143  0.010 N 
21 1 C6    A DG  6  ? ? N1    A DG 6  ? ? 1.347 1.391 -0.044 0.007 N 
22 1 C2    B DC  7  ? ? O2    B DC 7  ? ? 1.185 1.240 -0.055 0.009 N 
23 1 C4    B DC  7  ? ? N4    B DC 7  ? ? 1.396 1.335 0.061  0.009 N 
24 1 C2    B DC  7  ? ? N3    B DC 7  ? ? 1.405 1.353 0.052  0.008 N 
25 1 N3    B DC  7  ? ? C4    B DC 7  ? ? 1.382 1.335 0.047  0.007 N 
26 1 P     B DC  9  ? ? OP2   B DC 9  ? ? 1.592 1.485 0.107  0.017 N 
27 1 "C2'" B DC  9  ? ? "C1'" B DC 9  ? ? 1.584 1.519 0.065  0.010 N 
28 1 C2    B DC  9  ? ? O2    B DC 9  ? ? 1.298 1.240 0.058  0.009 N 
29 1 C4    B DC  9  ? ? N4    B DC 9  ? ? 1.393 1.335 0.058  0.009 N 
30 1 C2    B DC  9  ? ? N3    B DC 9  ? ? 1.305 1.353 -0.048 0.008 N 
31 1 N3    B DC  9  ? ? C4    B DC 9  ? ? 1.379 1.335 0.044  0.007 N 
32 1 N7    B DG  10 ? ? C8    B DG 10 ? ? 1.349 1.305 0.044  0.006 N 
33 1 C8    B DG  10 ? ? N9    B DG 10 ? ? 1.321 1.374 -0.053 0.007 N 
34 1 P     B DT  11 ? ? "O5'" B DT 11 ? ? 1.747 1.593 0.154  0.010 N 
35 1 C5    B DT  11 ? ? C7    B DT 11 ? ? 1.594 1.496 0.098  0.006 N 
36 1 P     B DG  12 ? ? "O5'" B DG 12 ? ? 1.685 1.593 0.092  0.010 N 
37 1 C5    B DG  12 ? ? N7    B DG 12 ? ? 1.340 1.388 -0.048 0.006 N 
38 1 N7    B DG  12 ? ? C8    B DG 12 ? ? 1.378 1.305 0.073  0.006 N 
39 1 C8    B DG  12 ? ? N9    B DG 12 ? ? 1.301 1.374 -0.073 0.007 N 
# 
loop_
_pdbx_validate_rmsd_angle.id 
_pdbx_validate_rmsd_angle.PDB_model_num 
_pdbx_validate_rmsd_angle.auth_atom_id_1 
_pdbx_validate_rmsd_angle.auth_asym_id_1 
_pdbx_validate_rmsd_angle.auth_comp_id_1 
_pdbx_validate_rmsd_angle.auth_seq_id_1 
_pdbx_validate_rmsd_angle.PDB_ins_code_1 
_pdbx_validate_rmsd_angle.label_alt_id_1 
_pdbx_validate_rmsd_angle.auth_atom_id_2 
_pdbx_validate_rmsd_angle.auth_asym_id_2 
_pdbx_validate_rmsd_angle.auth_comp_id_2 
_pdbx_validate_rmsd_angle.auth_seq_id_2 
_pdbx_validate_rmsd_angle.PDB_ins_code_2 
_pdbx_validate_rmsd_angle.label_alt_id_2 
_pdbx_validate_rmsd_angle.auth_atom_id_3 
_pdbx_validate_rmsd_angle.auth_asym_id_3 
_pdbx_validate_rmsd_angle.auth_comp_id_3 
_pdbx_validate_rmsd_angle.auth_seq_id_3 
_pdbx_validate_rmsd_angle.PDB_ins_code_3 
_pdbx_validate_rmsd_angle.label_alt_id_3 
_pdbx_validate_rmsd_angle.angle_value 
_pdbx_validate_rmsd_angle.angle_target_value 
_pdbx_validate_rmsd_angle.angle_deviation 
_pdbx_validate_rmsd_angle.angle_standard_deviation 
_pdbx_validate_rmsd_angle.linker_flag 
1   1 "O4'" A DC  1  ? ? "C4'" A DC  1  ? ? "C3'" A DC  1  ? ? 93.72  104.50 -10.78 0.40 N 
2   1 "C5'" A DC  1  ? ? "C4'" A DC  1  ? ? "O4'" A DC  1  ? ? 117.62 109.80 7.82   1.10 N 
3   1 "C4'" A DC  1  ? ? "C3'" A DC  1  ? ? "C2'" A DC  1  ? ? 97.47  102.20 -4.73  0.70 N 
4   1 "O4'" A DC  1  ? ? "C1'" A DC  1  ? ? "C2'" A DC  1  ? ? 99.04  105.90 -6.86  0.80 N 
5   1 "O4'" A DC  1  ? ? "C1'" A DC  1  ? ? N1    A DC  1  ? ? 114.26 108.30 5.96   0.30 N 
6   1 C2    A DC  1  ? ? N3    A DC  1  ? ? C4    A DC  1  ? ? 123.66 119.90 3.76   0.50 N 
7   1 N3    A DC  1  ? ? C2    A DC  1  ? ? O2    A DC  1  ? ? 126.25 121.90 4.35   0.70 N 
8   1 N3    A DC  1  ? ? C4    A DC  1  ? ? N4    A DC  1  ? ? 124.71 118.00 6.71   0.70 N 
9   1 C5    A DC  1  ? ? C4    A DC  1  ? ? N4    A DC  1  ? ? 115.00 120.20 -5.20  0.70 N 
10  1 "O3'" A 1AP 2  ? ? P     A DC  3  ? ? "O5'" A DC  3  ? ? 124.37 104.00 20.37  1.90 Y 
11  1 "O3'" A 1AP 2  ? ? P     A DC  3  ? ? OP2   A DC  3  ? ? 78.50  105.20 -26.70 2.20 Y 
12  1 "O3'" A 1AP 2  ? ? P     A DC  3  ? ? OP1   A DC  3  ? ? 87.94  105.20 -17.26 2.20 Y 
13  1 OP1   A DC  3  ? ? P     A DC  3  ? ? OP2   A DC  3  ? ? 157.05 119.60 37.45  1.50 N 
14  1 "O5'" A DC  3  ? ? P     A DC  3  ? ? OP1   A DC  3  ? ? 92.78  105.70 -12.92 0.90 N 
15  1 "C1'" A DC  3  ? ? "O4'" A DC  3  ? ? "C4'" A DC  3  ? ? 114.89 110.30 4.59   0.70 N 
16  1 "O4'" A DC  3  ? ? "C1'" A DC  3  ? ? "C2'" A DC  3  ? ? 99.49  105.90 -6.41  0.80 N 
17  1 C6    A DC  3  ? ? N1    A DC  3  ? ? C2    A DC  3  ? ? 117.52 120.30 -2.78  0.40 N 
18  1 C5    A DC  3  ? ? C6    A DC  3  ? ? N1    A DC  3  ? ? 128.84 121.00 7.84   0.50 N 
19  1 N3    A DC  3  ? ? C4    A DC  3  ? ? N4    A DC  3  ? ? 128.25 118.00 10.25  0.70 N 
20  1 C5    A DC  3  ? ? C4    A DC  3  ? ? N4    A DC  3  ? ? 112.11 120.20 -8.09  0.70 N 
21  1 C6    A DC  3  ? ? N1    A DC  3  ? ? "C1'" A DC  3  ? ? 128.43 120.80 7.63   1.20 N 
22  1 "O3'" A DC  3  ? ? P     A DG  4  ? ? OP2   A DG  4  ? ? 117.12 110.50 6.62   1.10 Y 
23  1 OP1   A DG  4  ? ? P     A DG  4  ? ? OP2   A DG  4  ? ? 106.26 119.60 -13.34 1.50 N 
24  1 "O5'" A DG  4  ? ? P     A DG  4  ? ? OP1   A DG  4  ? ? 92.92  105.70 -12.78 0.90 N 
25  1 "O5'" A DG  4  ? ? "C5'" A DG  4  ? ? "C4'" A DG  4  ? ? 101.89 109.40 -7.51  0.80 N 
26  1 "O4'" A DG  4  ? ? "C1'" A DG  4  ? ? N9    A DG  4  ? ? 100.09 108.00 -7.91  0.70 N 
27  1 N1    A DG  4  ? ? C2    A DG  4  ? ? N2    A DG  4  ? ? 109.81 116.20 -6.39  0.90 N 
28  1 N3    A DG  4  ? ? C2    A DG  4  ? ? N2    A DG  4  ? ? 126.83 119.90 6.93   0.70 N 
29  1 "C3'" A DG  4  ? ? "O3'" A DG  4  ? ? P     A DT  5  ? ? 129.95 119.70 10.25  1.20 Y 
30  1 "O3'" A DG  4  ? ? P     A DT  5  ? ? "O5'" A DT  5  ? ? 115.79 104.00 11.79  1.90 Y 
31  1 "O3'" A DG  4  ? ? P     A DT  5  ? ? OP2   A DT  5  ? ? 120.04 110.50 9.54   1.10 Y 
32  1 "O3'" A DG  4  ? ? P     A DT  5  ? ? OP1   A DT  5  ? ? 91.28  105.20 -13.92 2.20 Y 
33  1 OP1   A DT  5  ? ? P     A DT  5  ? ? OP2   A DT  5  ? ? 91.86  119.60 -27.74 1.50 N 
34  1 "O5'" A DT  5  ? ? P     A DT  5  ? ? OP2   A DT  5  ? ? 118.29 110.70 7.59   1.20 N 
35  1 "C5'" A DT  5  ? ? "C4'" A DT  5  ? ? "C3'" A DT  5  ? ? 123.61 115.70 7.91   1.20 N 
36  1 "C4'" A DT  5  ? ? "C3'" A DT  5  ? ? "C2'" A DT  5  ? ? 109.85 103.10 6.75   0.90 N 
37  1 "C3'" A DT  5  ? ? "C2'" A DT  5  ? ? "C1'" A DT  5  ? ? 96.25  102.40 -6.15  0.80 N 
38  1 C5    A DT  5  ? ? C6    A DT  5  ? ? N1    A DT  5  ? ? 119.93 123.70 -3.77  0.60 N 
39  1 N1    A DT  5  ? ? C2    A DT  5  ? ? O2    A DT  5  ? ? 114.95 123.10 -8.15  0.80 N 
40  1 N3    A DT  5  ? ? C2    A DT  5  ? ? O2    A DT  5  ? ? 129.10 122.30 6.80   0.60 N 
41  1 C6    A DT  5  ? ? C5    A DT  5  ? ? C7    A DT  5  ? ? 118.94 122.90 -3.96  0.60 N 
42  1 "O3'" A DT  5  ? ? P     A DG  6  ? ? "O5'" A DG  6  ? ? 116.84 104.00 12.84  1.90 Y 
43  1 "O3'" A DT  5  ? ? P     A DG  6  ? ? OP1   A DG  6  ? ? 125.80 110.50 15.30  1.10 Y 
44  1 "O5'" A DG  6  ? ? P     A DG  6  ? ? OP1   A DG  6  ? ? 93.11  105.70 -12.59 0.90 N 
45  1 "O5'" A DG  6  ? ? P     A DG  6  ? ? OP2   A DG  6  ? ? 93.54  105.70 -12.16 0.90 N 
46  1 "O5'" A DG  6  ? ? "C5'" A DG  6  ? ? "C4'" A DG  6  ? ? 85.12  109.40 -24.28 0.80 N 
47  1 N3    A DG  6  ? ? C4    A DG  6  ? ? C5    A DG  6  ? ? 124.83 128.60 -3.77  0.50 N 
48  1 N3    A DG  6  ? ? C2    A DG  6  ? ? N2    A DG  6  ? ? 115.66 119.90 -4.24  0.70 N 
49  1 "O4'" B DC  7  ? ? "C4'" B DC  7  ? ? "C3'" B DC  7  ? ? 96.62  104.50 -7.88  0.40 N 
50  1 "C5'" B DC  7  ? ? "C4'" B DC  7  ? ? "O4'" B DC  7  ? ? 117.51 109.80 7.71   1.10 N 
51  1 "C1'" B DC  7  ? ? "O4'" B DC  7  ? ? "C4'" B DC  7  ? ? 121.47 110.30 11.17  0.70 N 
52  1 "C4'" B DC  7  ? ? "C3'" B DC  7  ? ? "C2'" B DC  7  ? ? 110.01 103.10 6.91   0.90 N 
53  1 "O4'" B DC  7  ? ? "C1'" B DC  7  ? ? "C2'" B DC  7  ? ? 95.10  105.90 -10.80 0.80 N 
54  1 "O4'" B DC  7  ? ? "C1'" B DC  7  ? ? N1    B DC  7  ? ? 115.83 108.30 7.53   0.30 N 
55  1 C4    B DC  7  ? ? C5    B DC  7  ? ? C6    B DC  7  ? ? 114.24 117.40 -3.16  0.50 N 
56  1 C5    B DC  7  ? ? C6    B DC  7  ? ? N1    B DC  7  ? ? 124.70 121.00 3.70   0.50 N 
57  1 "C3'" B DC  7  ? ? "O3'" B DC  7  ? ? P     B 1AP 8  ? ? 127.98 119.70 8.28   1.20 Y 
58  1 "O3'" B DC  7  ? ? P     B 1AP 8  ? ? OP2   B 1AP 8  ? ? 117.12 110.50 6.62   1.10 Y 
59  1 "C3'" B 1AP 8  ? ? "O3'" B 1AP 8  ? ? P     B DC  9  ? ? 132.41 119.70 12.71  1.20 Y 
60  1 "O3'" B 1AP 8  ? ? P     B DC  9  ? ? "O5'" B DC  9  ? ? 121.19 104.00 17.19  1.90 Y 
61  1 OP1   B DC  9  ? ? P     B DC  9  ? ? OP2   B DC  9  ? ? 106.94 119.60 -12.66 1.50 N 
62  1 "O5'" B DC  9  ? ? P     B DC  9  ? ? OP1   B DC  9  ? ? 123.95 110.70 13.25  1.20 N 
63  1 "O5'" B DC  9  ? ? P     B DC  9  ? ? OP2   B DC  9  ? ? 99.62  105.70 -6.08  0.90 N 
64  1 "O5'" B DC  9  ? ? "C5'" B DC  9  ? ? "C4'" B DC  9  ? ? 102.84 109.40 -6.56  0.80 N 
65  1 "O4'" B DC  9  ? ? "C1'" B DC  9  ? ? "C2'" B DC  9  ? ? 95.93  105.90 -9.97  0.80 N 
66  1 "O4'" B DC  9  ? ? "C1'" B DC  9  ? ? N1    B DC  9  ? ? 110.77 108.30 2.47   0.30 N 
67  1 C6    B DC  9  ? ? N1    B DC  9  ? ? C2    B DC  9  ? ? 114.45 120.30 -5.85  0.40 N 
68  1 C5    B DC  9  ? ? C6    B DC  9  ? ? N1    B DC  9  ? ? 125.77 121.00 4.77   0.50 N 
69  1 "O5'" B DG  10 ? ? P     B DG  10 ? ? OP1   B DG  10 ? ? 94.82  105.70 -10.88 0.90 N 
70  1 "O4'" B DG  10 ? ? "C1'" B DG  10 ? ? N9    B DG  10 ? ? 110.70 108.30 2.40   0.30 N 
71  1 C6    B DG  10 ? ? N1    B DG  10 ? ? C2    B DG  10 ? ? 118.98 125.10 -6.12  0.60 N 
72  1 N1    B DG  10 ? ? C2    B DG  10 ? ? N3    B DG  10 ? ? 134.37 123.90 10.47  0.60 N 
73  1 C2    B DG  10 ? ? N3    B DG  10 ? ? C4    B DG  10 ? ? 104.44 111.90 -7.46  0.50 N 
74  1 C4    B DG  10 ? ? C5    B DG  10 ? ? C6    B DG  10 ? ? 123.07 118.80 4.27   0.60 N 
75  1 C4    B DG  10 ? ? C5    B DG  10 ? ? N7    B DG  10 ? ? 115.10 110.80 4.30   0.40 N 
76  1 C5    B DG  10 ? ? N7    B DG  10 ? ? C8    B DG  10 ? ? 96.79  104.30 -7.51  0.50 N 
77  1 N7    B DG  10 ? ? C8    B DG  10 ? ? N9    B DG  10 ? ? 118.86 113.10 5.76   0.50 N 
78  1 C6    B DG  10 ? ? C5    B DG  10 ? ? N7    B DG  10 ? ? 121.82 130.40 -8.58  0.60 N 
79  1 N1    B DG  10 ? ? C2    B DG  10 ? ? N2    B DG  10 ? ? 104.23 116.20 -11.97 0.90 N 
80  1 "O3'" B DG  10 ? ? P     B DT  11 ? ? OP2   B DT  11 ? ? 122.17 110.50 11.67  1.10 Y 
81  1 "O5'" B DT  11 ? ? P     B DT  11 ? ? OP1   B DT  11 ? ? 96.12  105.70 -9.58  0.90 N 
82  1 "O5'" B DT  11 ? ? P     B DT  11 ? ? OP2   B DT  11 ? ? 119.44 110.70 8.74   1.20 N 
83  1 P     B DT  11 ? ? "O5'" B DT  11 ? ? "C5'" B DT  11 ? ? 109.96 120.90 -10.94 1.60 N 
84  1 "C5'" B DT  11 ? ? "C4'" B DT  11 ? ? "O4'" B DT  11 ? ? 117.82 109.80 8.02   1.10 N 
85  1 "O4'" B DT  11 ? ? "C1'" B DT  11 ? ? "C2'" B DT  11 ? ? 97.95  105.90 -7.95  0.80 N 
86  1 C6    B DT  11 ? ? N1    B DT  11 ? ? C2    B DT  11 ? ? 125.09 121.30 3.79   0.50 N 
87  1 N1    B DT  11 ? ? C2    B DT  11 ? ? N3    B DT  11 ? ? 120.36 114.60 5.76   0.60 N 
88  1 C2    B DT  11 ? ? N3    B DT  11 ? ? C4    B DT  11 ? ? 116.37 127.20 -10.83 0.60 N 
89  1 N3    B DT  11 ? ? C4    B DT  11 ? ? C5    B DT  11 ? ? 121.94 115.20 6.74   0.60 N 
90  1 C4    B DT  11 ? ? C5    B DT  11 ? ? C6    B DT  11 ? ? 121.92 118.00 3.92   0.60 N 
91  1 C5    B DT  11 ? ? C6    B DT  11 ? ? N1    B DT  11 ? ? 114.17 123.70 -9.53  0.60 N 
92  1 C5    B DT  11 ? ? C4    B DT  11 ? ? O4    B DT  11 ? ? 120.53 124.90 -4.37  0.70 N 
93  1 "O3'" B DT  11 ? ? P     B DG  12 ? ? OP1   B DG  12 ? ? 117.84 110.50 7.34   1.10 Y 
94  1 "O5'" B DG  12 ? ? "C5'" B DG  12 ? ? "C4'" B DG  12 ? ? 98.47  109.40 -10.93 0.80 N 
95  1 C6    B DG  12 ? ? N1    B DG  12 ? ? C2    B DG  12 ? ? 116.53 125.10 -8.57  0.60 N 
96  1 N1    B DG  12 ? ? C2    B DG  12 ? ? N3    B DG  12 ? ? 130.99 123.90 7.09   0.60 N 
97  1 N3    B DG  12 ? ? C4    B DG  12 ? ? C5    B DG  12 ? ? 124.71 128.60 -3.89  0.50 N 
98  1 C5    B DG  12 ? ? C6    B DG  12 ? ? N1    B DG  12 ? ? 116.68 111.50 5.18   0.50 N 
99  1 C4    B DG  12 ? ? C5    B DG  12 ? ? N7    B DG  12 ? ? 106.60 110.80 -4.20  0.40 N 
100 1 C5    B DG  12 ? ? N7    B DG  12 ? ? C8    B DG  12 ? ? 108.38 104.30 4.08   0.50 N 
101 1 N3    B DG  12 ? ? C2    B DG  12 ? ? N2    B DG  12 ? ? 114.78 119.90 -5.12  0.70 N 
102 1 N1    B DG  12 ? ? C6    B DG  12 ? ? O6    B DG  12 ? ? 112.71 119.90 -7.19  0.60 N 
# 
loop_
_pdbx_struct_mod_residue.id 
_pdbx_struct_mod_residue.label_asym_id 
_pdbx_struct_mod_residue.label_comp_id 
_pdbx_struct_mod_residue.label_seq_id 
_pdbx_struct_mod_residue.auth_asym_id 
_pdbx_struct_mod_residue.auth_comp_id 
_pdbx_struct_mod_residue.auth_seq_id 
_pdbx_struct_mod_residue.PDB_ins_code 
_pdbx_struct_mod_residue.parent_comp_id 
_pdbx_struct_mod_residue.details 
1 A 1AP 2 A 1AP 2 ? DA '2,6-DIAMINOPURINE NUCLEOTIDE' 
2 B 1AP 2 B 1AP 8 ? DA '2,6-DIAMINOPURINE NUCLEOTIDE' 
# 
loop_
_refine_B_iso.class 
_refine_B_iso.details 
_refine_B_iso.treatment 
_refine_B_iso.pdbx_refine_id 
'ALL ATOMS'  TR isotropic 'X-RAY DIFFRACTION' 
'ALL WATERS' TR isotropic 'X-RAY DIFFRACTION' 
# 
loop_
_refine_occupancy.class 
_refine_occupancy.treatment 
_refine_occupancy.pdbx_refine_id 
'ALL ATOMS'  fix 'X-RAY DIFFRACTION' 
'ALL WATERS' fix 'X-RAY DIFFRACTION' 
# 
loop_
_chem_comp_atom.comp_id 
_chem_comp_atom.atom_id 
_chem_comp_atom.type_symbol 
_chem_comp_atom.pdbx_aromatic_flag 
_chem_comp_atom.pdbx_stereo_config 
_chem_comp_atom.pdbx_ordinal 
1AP N1     N  Y N 1   
1AP C2     C  Y N 2   
1AP C4     C  Y N 3   
1AP C5     C  Y N 4   
1AP C6     C  Y N 5   
1AP C8     C  Y N 6   
1AP N2     N  N N 7   
1AP N3     N  Y N 8   
1AP N9     N  Y N 9   
1AP N7     N  Y N 10  
1AP N6     N  N N 11  
1AP P      P  N N 12  
1AP OP1    O  N N 13  
1AP OP2    O  N N 14  
1AP "O5'"  O  N N 15  
1AP "C5'"  C  N N 16  
1AP "C4'"  C  N R 17  
1AP "O4'"  O  N N 18  
1AP "C1'"  C  N R 19  
1AP "C2'"  C  N N 20  
1AP "C3'"  C  N S 21  
1AP "O3'"  O  N N 22  
1AP OP3    O  N N 23  
1AP H81    H  N N 24  
1AP HN21   H  N N 25  
1AP HN22   H  N N 26  
1AP HN61   H  N N 27  
1AP HN62   H  N N 28  
1AP H1P    H  N N 29  
1AP H52    H  N N 30  
1AP H51    H  N N 31  
1AP H4     H  N N 32  
1AP H11    H  N N 33  
1AP H21    H  N N 34  
1AP H22    H  N N 35  
1AP H31    H  N N 36  
1AP HO31   H  N N 37  
1AP H3P    H  N N 38  
DC  OP3    O  N N 39  
DC  P      P  N N 40  
DC  OP1    O  N N 41  
DC  OP2    O  N N 42  
DC  "O5'"  O  N N 43  
DC  "C5'"  C  N N 44  
DC  "C4'"  C  N R 45  
DC  "O4'"  O  N N 46  
DC  "C3'"  C  N S 47  
DC  "O3'"  O  N N 48  
DC  "C2'"  C  N N 49  
DC  "C1'"  C  N R 50  
DC  N1     N  N N 51  
DC  C2     C  N N 52  
DC  O2     O  N N 53  
DC  N3     N  N N 54  
DC  C4     C  N N 55  
DC  N4     N  N N 56  
DC  C5     C  N N 57  
DC  C6     C  N N 58  
DC  HOP3   H  N N 59  
DC  HOP2   H  N N 60  
DC  "H5'"  H  N N 61  
DC  "H5''" H  N N 62  
DC  "H4'"  H  N N 63  
DC  "H3'"  H  N N 64  
DC  "HO3'" H  N N 65  
DC  "H2'"  H  N N 66  
DC  "H2''" H  N N 67  
DC  "H1'"  H  N N 68  
DC  H41    H  N N 69  
DC  H42    H  N N 70  
DC  H5     H  N N 71  
DC  H6     H  N N 72  
DG  OP3    O  N N 73  
DG  P      P  N N 74  
DG  OP1    O  N N 75  
DG  OP2    O  N N 76  
DG  "O5'"  O  N N 77  
DG  "C5'"  C  N N 78  
DG  "C4'"  C  N R 79  
DG  "O4'"  O  N N 80  
DG  "C3'"  C  N S 81  
DG  "O3'"  O  N N 82  
DG  "C2'"  C  N N 83  
DG  "C1'"  C  N R 84  
DG  N9     N  Y N 85  
DG  C8     C  Y N 86  
DG  N7     N  Y N 87  
DG  C5     C  Y N 88  
DG  C6     C  N N 89  
DG  O6     O  N N 90  
DG  N1     N  N N 91  
DG  C2     C  N N 92  
DG  N2     N  N N 93  
DG  N3     N  N N 94  
DG  C4     C  Y N 95  
DG  HOP3   H  N N 96  
DG  HOP2   H  N N 97  
DG  "H5'"  H  N N 98  
DG  "H5''" H  N N 99  
DG  "H4'"  H  N N 100 
DG  "H3'"  H  N N 101 
DG  "HO3'" H  N N 102 
DG  "H2'"  H  N N 103 
DG  "H2''" H  N N 104 
DG  "H1'"  H  N N 105 
DG  H8     H  N N 106 
DG  H1     H  N N 107 
DG  H21    H  N N 108 
DG  H22    H  N N 109 
DT  OP3    O  N N 110 
DT  P      P  N N 111 
DT  OP1    O  N N 112 
DT  OP2    O  N N 113 
DT  "O5'"  O  N N 114 
DT  "C5'"  C  N N 115 
DT  "C4'"  C  N R 116 
DT  "O4'"  O  N N 117 
DT  "C3'"  C  N S 118 
DT  "O3'"  O  N N 119 
DT  "C2'"  C  N N 120 
DT  "C1'"  C  N R 121 
DT  N1     N  N N 122 
DT  C2     C  N N 123 
DT  O2     O  N N 124 
DT  N3     N  N N 125 
DT  C4     C  N N 126 
DT  O4     O  N N 127 
DT  C5     C  N N 128 
DT  C7     C  N N 129 
DT  C6     C  N N 130 
DT  HOP3   H  N N 131 
DT  HOP2   H  N N 132 
DT  "H5'"  H  N N 133 
DT  "H5''" H  N N 134 
DT  "H4'"  H  N N 135 
DT  "H3'"  H  N N 136 
DT  "HO3'" H  N N 137 
DT  "H2'"  H  N N 138 
DT  "H2''" H  N N 139 
DT  "H1'"  H  N N 140 
DT  H3     H  N N 141 
DT  H71    H  N N 142 
DT  H72    H  N N 143 
DT  H73    H  N N 144 
DT  H6     H  N N 145 
HOH O      O  N N 146 
HOH H1     H  N N 147 
HOH H2     H  N N 148 
MG  MG     MG N N 149 
NH2 N      N  N N 150 
NH2 HN1    H  N N 151 
NH2 HN2    H  N N 152 
# 
loop_
_chem_comp_bond.comp_id 
_chem_comp_bond.atom_id_1 
_chem_comp_bond.atom_id_2 
_chem_comp_bond.value_order 
_chem_comp_bond.pdbx_aromatic_flag 
_chem_comp_bond.pdbx_stereo_config 
_chem_comp_bond.pdbx_ordinal 
1AP N1    C2     sing Y N 1   
1AP N1    C6     doub Y N 2   
1AP C2    N2     sing N N 3   
1AP C2    N3     doub Y N 4   
1AP C4    C5     doub Y N 5   
1AP C4    N3     sing Y N 6   
1AP C4    N9     sing Y N 7   
1AP C5    C6     sing Y N 8   
1AP C5    N7     sing Y N 9   
1AP C6    N6     sing N N 10  
1AP C8    N9     sing Y N 11  
1AP C8    N7     doub Y N 12  
1AP C8    H81    sing N N 13  
1AP N2    HN21   sing N N 14  
1AP N2    HN22   sing N N 15  
1AP N9    "C1'"  sing N N 16  
1AP N6    HN61   sing N N 17  
1AP N6    HN62   sing N N 18  
1AP P     OP1    sing N N 19  
1AP P     OP2    doub N N 20  
1AP P     "O5'"  sing N N 21  
1AP P     OP3    sing N N 22  
1AP OP1   H1P    sing N N 23  
1AP "O5'" "C5'"  sing N N 24  
1AP "C5'" "C4'"  sing N N 25  
1AP "C5'" H52    sing N N 26  
1AP "C5'" H51    sing N N 27  
1AP "C4'" "O4'"  sing N N 28  
1AP "C4'" "C3'"  sing N N 29  
1AP "C4'" H4     sing N N 30  
1AP "O4'" "C1'"  sing N N 31  
1AP "C1'" "C2'"  sing N N 32  
1AP "C1'" H11    sing N N 33  
1AP "C2'" "C3'"  sing N N 34  
1AP "C2'" H21    sing N N 35  
1AP "C2'" H22    sing N N 36  
1AP "C3'" "O3'"  sing N N 37  
1AP "C3'" H31    sing N N 38  
1AP "O3'" HO31   sing N N 39  
1AP OP3   H3P    sing N N 40  
DC  OP3   P      sing N N 41  
DC  OP3   HOP3   sing N N 42  
DC  P     OP1    doub N N 43  
DC  P     OP2    sing N N 44  
DC  P     "O5'"  sing N N 45  
DC  OP2   HOP2   sing N N 46  
DC  "O5'" "C5'"  sing N N 47  
DC  "C5'" "C4'"  sing N N 48  
DC  "C5'" "H5'"  sing N N 49  
DC  "C5'" "H5''" sing N N 50  
DC  "C4'" "O4'"  sing N N 51  
DC  "C4'" "C3'"  sing N N 52  
DC  "C4'" "H4'"  sing N N 53  
DC  "O4'" "C1'"  sing N N 54  
DC  "C3'" "O3'"  sing N N 55  
DC  "C3'" "C2'"  sing N N 56  
DC  "C3'" "H3'"  sing N N 57  
DC  "O3'" "HO3'" sing N N 58  
DC  "C2'" "C1'"  sing N N 59  
DC  "C2'" "H2'"  sing N N 60  
DC  "C2'" "H2''" sing N N 61  
DC  "C1'" N1     sing N N 62  
DC  "C1'" "H1'"  sing N N 63  
DC  N1    C2     sing N N 64  
DC  N1    C6     sing N N 65  
DC  C2    O2     doub N N 66  
DC  C2    N3     sing N N 67  
DC  N3    C4     doub N N 68  
DC  C4    N4     sing N N 69  
DC  C4    C5     sing N N 70  
DC  N4    H41    sing N N 71  
DC  N4    H42    sing N N 72  
DC  C5    C6     doub N N 73  
DC  C5    H5     sing N N 74  
DC  C6    H6     sing N N 75  
DG  OP3   P      sing N N 76  
DG  OP3   HOP3   sing N N 77  
DG  P     OP1    doub N N 78  
DG  P     OP2    sing N N 79  
DG  P     "O5'"  sing N N 80  
DG  OP2   HOP2   sing N N 81  
DG  "O5'" "C5'"  sing N N 82  
DG  "C5'" "C4'"  sing N N 83  
DG  "C5'" "H5'"  sing N N 84  
DG  "C5'" "H5''" sing N N 85  
DG  "C4'" "O4'"  sing N N 86  
DG  "C4'" "C3'"  sing N N 87  
DG  "C4'" "H4'"  sing N N 88  
DG  "O4'" "C1'"  sing N N 89  
DG  "C3'" "O3'"  sing N N 90  
DG  "C3'" "C2'"  sing N N 91  
DG  "C3'" "H3'"  sing N N 92  
DG  "O3'" "HO3'" sing N N 93  
DG  "C2'" "C1'"  sing N N 94  
DG  "C2'" "H2'"  sing N N 95  
DG  "C2'" "H2''" sing N N 96  
DG  "C1'" N9     sing N N 97  
DG  "C1'" "H1'"  sing N N 98  
DG  N9    C8     sing Y N 99  
DG  N9    C4     sing Y N 100 
DG  C8    N7     doub Y N 101 
DG  C8    H8     sing N N 102 
DG  N7    C5     sing Y N 103 
DG  C5    C6     sing N N 104 
DG  C5    C4     doub Y N 105 
DG  C6    O6     doub N N 106 
DG  C6    N1     sing N N 107 
DG  N1    C2     sing N N 108 
DG  N1    H1     sing N N 109 
DG  C2    N2     sing N N 110 
DG  C2    N3     doub N N 111 
DG  N2    H21    sing N N 112 
DG  N2    H22    sing N N 113 
DG  N3    C4     sing N N 114 
DT  OP3   P      sing N N 115 
DT  OP3   HOP3   sing N N 116 
DT  P     OP1    doub N N 117 
DT  P     OP2    sing N N 118 
DT  P     "O5'"  sing N N 119 
DT  OP2   HOP2   sing N N 120 
DT  "O5'" "C5'"  sing N N 121 
DT  "C5'" "C4'"  sing N N 122 
DT  "C5'" "H5'"  sing N N 123 
DT  "C5'" "H5''" sing N N 124 
DT  "C4'" "O4'"  sing N N 125 
DT  "C4'" "C3'"  sing N N 126 
DT  "C4'" "H4'"  sing N N 127 
DT  "O4'" "C1'"  sing N N 128 
DT  "C3'" "O3'"  sing N N 129 
DT  "C3'" "C2'"  sing N N 130 
DT  "C3'" "H3'"  sing N N 131 
DT  "O3'" "HO3'" sing N N 132 
DT  "C2'" "C1'"  sing N N 133 
DT  "C2'" "H2'"  sing N N 134 
DT  "C2'" "H2''" sing N N 135 
DT  "C1'" N1     sing N N 136 
DT  "C1'" "H1'"  sing N N 137 
DT  N1    C2     sing N N 138 
DT  N1    C6     sing N N 139 
DT  C2    O2     doub N N 140 
DT  C2    N3     sing N N 141 
DT  N3    C4     sing N N 142 
DT  N3    H3     sing N N 143 
DT  C4    O4     doub N N 144 
DT  C4    C5     sing N N 145 
DT  C5    C7     sing N N 146 
DT  C5    C6     doub N N 147 
DT  C7    H71    sing N N 148 
DT  C7    H72    sing N N 149 
DT  C7    H73    sing N N 150 
DT  C6    H6     sing N N 151 
HOH O     H1     sing N N 152 
HOH O     H2     sing N N 153 
NH2 N     HN1    sing N N 154 
NH2 N     HN2    sing N N 155 
# 
loop_
_ndb_struct_conf_na.entry_id 
_ndb_struct_conf_na.feature 
1VTY 'double helix'        
1VTY 'z-form double helix' 
# 
loop_
_ndb_struct_na_base_pair.model_number 
_ndb_struct_na_base_pair.i_label_asym_id 
_ndb_struct_na_base_pair.i_label_comp_id 
_ndb_struct_na_base_pair.i_label_seq_id 
_ndb_struct_na_base_pair.i_symmetry 
_ndb_struct_na_base_pair.j_label_asym_id 
_ndb_struct_na_base_pair.j_label_comp_id 
_ndb_struct_na_base_pair.j_label_seq_id 
_ndb_struct_na_base_pair.j_symmetry 
_ndb_struct_na_base_pair.shear 
_ndb_struct_na_base_pair.stretch 
_ndb_struct_na_base_pair.stagger 
_ndb_struct_na_base_pair.buckle 
_ndb_struct_na_base_pair.propeller 
_ndb_struct_na_base_pair.opening 
_ndb_struct_na_base_pair.pair_number 
_ndb_struct_na_base_pair.pair_name 
_ndb_struct_na_base_pair.i_auth_asym_id 
_ndb_struct_na_base_pair.i_auth_seq_id 
_ndb_struct_na_base_pair.i_PDB_ins_code 
_ndb_struct_na_base_pair.j_auth_asym_id 
_ndb_struct_na_base_pair.j_auth_seq_id 
_ndb_struct_na_base_pair.j_PDB_ins_code 
_ndb_struct_na_base_pair.hbond_type_28 
_ndb_struct_na_base_pair.hbond_type_12 
1 A DC 1 1_555 B DG 6 1_555 0.522  -0.283 -0.175 0.737  3.639 -2.617 1 A_DC1:DG12_B A 1 ? B 12 ? 19 1 
1 A DC 3 1_555 B DG 4 1_555 -0.518 -0.430 0.229  2.531  1.296 4.049  2 A_DC3:DG10_B A 3 ? B 10 ? 19 1 
1 A DG 4 1_555 B DC 3 1_555 0.310  -0.121 0.107  -2.875 2.088 2.116  3 A_DG4:DC9_B  A 4 ? B 9  ? 19 1 
1 A DG 6 1_555 B DC 1 1_555 -0.318 -0.226 0.088  6.870  2.008 0.335  4 A_DG6:DC7_B  A 6 ? B 7  ? 19 1 
# 
_ndb_struct_na_base_pair_step.model_number        1 
_ndb_struct_na_base_pair_step.i_label_asym_id_1   A 
_ndb_struct_na_base_pair_step.i_label_comp_id_1   DC 
_ndb_struct_na_base_pair_step.i_label_seq_id_1    3 
_ndb_struct_na_base_pair_step.i_symmetry_1        1_555 
_ndb_struct_na_base_pair_step.j_label_asym_id_1   B 
_ndb_struct_na_base_pair_step.j_label_comp_id_1   DG 
_ndb_struct_na_base_pair_step.j_label_seq_id_1    4 
_ndb_struct_na_base_pair_step.j_symmetry_1        1_555 
_ndb_struct_na_base_pair_step.i_label_asym_id_2   A 
_ndb_struct_na_base_pair_step.i_label_comp_id_2   DG 
_ndb_struct_na_base_pair_step.i_label_seq_id_2    4 
_ndb_struct_na_base_pair_step.i_symmetry_2        1_555 
_ndb_struct_na_base_pair_step.j_label_asym_id_2   B 
_ndb_struct_na_base_pair_step.j_label_comp_id_2   DC 
_ndb_struct_na_base_pair_step.j_label_seq_id_2    3 
_ndb_struct_na_base_pair_step.j_symmetry_2        1_555 
_ndb_struct_na_base_pair_step.shift               -0.077 
_ndb_struct_na_base_pair_step.slide               5.270 
_ndb_struct_na_base_pair_step.rise                3.674 
_ndb_struct_na_base_pair_step.tilt                -0.235 
_ndb_struct_na_base_pair_step.roll                0.636 
_ndb_struct_na_base_pair_step.twist               -7.738 
_ndb_struct_na_base_pair_step.x_displacement      -40.988 
_ndb_struct_na_base_pair_step.y_displacement      -1.343 
_ndb_struct_na_base_pair_step.helical_rise        3.226 
_ndb_struct_na_base_pair_step.inclination         -4.703 
_ndb_struct_na_base_pair_step.tip                 -1.739 
_ndb_struct_na_base_pair_step.helical_twist       -7.768 
_ndb_struct_na_base_pair_step.step_number         1 
_ndb_struct_na_base_pair_step.step_name           AA_DC3DG4:DC9DG10_BB 
_ndb_struct_na_base_pair_step.i_auth_asym_id_1    A 
_ndb_struct_na_base_pair_step.i_auth_seq_id_1     3 
_ndb_struct_na_base_pair_step.i_PDB_ins_code_1    ? 
_ndb_struct_na_base_pair_step.j_auth_asym_id_1    B 
_ndb_struct_na_base_pair_step.j_auth_seq_id_1     10 
_ndb_struct_na_base_pair_step.j_PDB_ins_code_1    ? 
_ndb_struct_na_base_pair_step.i_auth_asym_id_2    A 
_ndb_struct_na_base_pair_step.i_auth_seq_id_2     4 
_ndb_struct_na_base_pair_step.i_PDB_ins_code_2    ? 
_ndb_struct_na_base_pair_step.j_auth_asym_id_2    B 
_ndb_struct_na_base_pair_step.j_auth_seq_id_2     9 
_ndb_struct_na_base_pair_step.j_PDB_ins_code_2    ? 
# 
_atom_sites.entry_id                    1VTY 
_atom_sites.fract_transf_matrix[1][1]   -0.00879549 
_atom_sites.fract_transf_matrix[1][2]   -0.01443435 
_atom_sites.fract_transf_matrix[1][3]   -0.05337866 
_atom_sites.fract_transf_matrix[2][1]   0.02915720 
_atom_sites.fract_transf_matrix[2][2]   -0.01365623 
_atom_sites.fract_transf_matrix[2][3]   -0.00111155 
_atom_sites.fract_transf_matrix[3][1]   -0.00882969 
_atom_sites.fract_transf_matrix[3][2]   -0.01939750 
_atom_sites.fract_transf_matrix[3][3]   0.00670028 
_atom_sites.fract_transf_vector[1]      0.750719 
_atom_sites.fract_transf_vector[2]      0.498683 
_atom_sites.fract_transf_vector[3]      0.624031 
# 
loop_
_atom_type.symbol 
C  
MG 
N  
O  
P  
# 
loop_
_atom_site.group_PDB 
_atom_site.id 
_atom_site.type_symbol 
_atom_site.label_atom_id 
_atom_site.label_alt_id 
_atom_site.label_comp_id 
_atom_site.label_asym_id 
_atom_site.label_entity_id 
_atom_site.label_seq_id 
_atom_site.pdbx_PDB_ins_code 
_atom_site.Cartn_x 
_atom_site.Cartn_y 
_atom_site.Cartn_z 
_atom_site.occupancy 
_atom_site.B_iso_or_equiv 
_atom_site.pdbx_formal_charge 
_atom_site.auth_seq_id 
_atom_site.auth_comp_id 
_atom_site.auth_asym_id 
_atom_site.auth_atom_id 
_atom_site.pdbx_PDB_model_num 
ATOM   1   O  "O5'" . DC  A 1 1 ? 4.931   5.639   -9.060  1.00 24.26 ? 1  DC  A "O5'" 1 
ATOM   2   C  "C5'" . DC  A 1 1 ? 3.710   5.097   -8.583  1.00 20.23 ? 1  DC  A "C5'" 1 
ATOM   3   C  "C4'" . DC  A 1 1 ? 2.734   5.879   -7.711  1.00 21.29 ? 1  DC  A "C4'" 1 
ATOM   4   O  "O4'" . DC  A 1 1 ? 2.903   5.800   -6.297  1.00 19.67 ? 1  DC  A "O4'" 1 
ATOM   5   C  "C3'" . DC  A 1 1 ? 2.678   7.416   -7.720  1.00 18.91 ? 1  DC  A "C3'" 1 
ATOM   6   O  "O3'" . DC  A 1 1 ? 1.505   7.631   -6.957  1.00 22.07 ? 1  DC  A "O3'" 1 
ATOM   7   C  "C2'" . DC  A 1 1 ? 3.949   7.659   -7.001  1.00 19.01 ? 1  DC  A "C2'" 1 
ATOM   8   C  "C1'" . DC  A 1 1 ? 3.662   6.916   -5.739  1.00 16.59 ? 1  DC  A "C1'" 1 
ATOM   9   N  N1    . DC  A 1 1 ? 4.884   6.514   -5.008  1.00 15.19 ? 1  DC  A N1    1 
ATOM   10  C  C2    . DC  A 1 1 ? 5.025   7.019   -3.732  1.00 13.70 ? 1  DC  A C2    1 
ATOM   11  O  O2    . DC  A 1 1 ? 4.070   7.761   -3.278  1.00 14.75 ? 1  DC  A O2    1 
ATOM   12  N  N3    . DC  A 1 1 ? 6.159   6.747   -3.118  1.00 14.36 ? 1  DC  A N3    1 
ATOM   13  C  C4    . DC  A 1 1 ? 7.185   5.995   -3.688  1.00 12.22 ? 1  DC  A C4    1 
ATOM   14  N  N4    . DC  A 1 1 ? 8.279   5.630   -3.064  1.00 14.69 ? 1  DC  A N4    1 
ATOM   15  C  C5    . DC  A 1 1 ? 7.036   5.463   -5.006  1.00 14.22 ? 1  DC  A C5    1 
ATOM   16  C  C6    . DC  A 1 1 ? 5.885   5.833   -5.646  1.00 13.51 ? 1  DC  A C6    1 
HETATM 17  N  N1    . 1AP A 1 2 ? 3.214   2.875   -4.656  1.00 10.54 ? 2  1AP A N1    1 
HETATM 18  C  C2    . 1AP A 1 2 ? 1.946   3.334   -4.951  1.00 11.24 ? 2  1AP A C2    1 
HETATM 19  C  C4    . 1AP A 1 2 ? 1.827   2.462   -6.993  1.00 13.53 ? 2  1AP A C4    1 
HETATM 20  C  C5    . 1AP A 1 2 ? 3.148   1.963   -6.844  1.00 12.68 ? 2  1AP A C5    1 
HETATM 21  C  C6    . 1AP A 1 2 ? 3.878   2.172   -5.666  1.00 13.27 ? 2  1AP A C6    1 
HETATM 22  C  C8    . 1AP A 1 2 ? 2.540   1.534   -8.800  1.00 13.79 ? 2  1AP A C8    1 
HETATM 23  N  N3    . 1AP A 1 2 ? 1.131   3.173   -5.998  1.00 12.32 ? 2  1AP A N3    1 
HETATM 24  N  N9    . 1AP A 1 2 ? 1.504   2.169   -8.266  1.00 13.68 ? 2  1AP A N9    1 
HETATM 25  N  N7    . 1AP A 1 2 ? 3.580   1.376   -8.022  1.00 15.09 ? 2  1AP A N7    1 
HETATM 26  N  N6    . 1AP A 1 2 ? 5.126   1.818   -5.482  1.00 12.97 ? 2  1AP A N6    1 
HETATM 27  P  P     . 1AP A 1 2 ? 0.147   7.985   -7.814  1.00 28.92 ? 2  1AP A P     1 
HETATM 28  O  OP1   . 1AP A 1 2 ? 0.680   8.165   -9.245  1.00 22.67 ? 2  1AP A OP1   1 
HETATM 29  O  OP2   . 1AP A 1 2 ? -0.829  8.692   -6.901  1.00 24.97 ? 2  1AP A OP2   1 
HETATM 30  O  "O5'" . 1AP A 1 2 ? -0.775  6.645   -8.220  1.00 24.34 ? 2  1AP A "O5'" 1 
HETATM 31  C  "C5'" . 1AP A 1 2 ? -0.778  5.422   -7.438  1.00 21.15 ? 2  1AP A "C5'" 1 
HETATM 32  C  "C4'" . 1AP A 1 2 ? -0.997  4.401   -8.534  1.00 17.59 ? 2  1AP A "C4'" 1 
HETATM 33  O  "O4'" . 1AP A 1 2 ? 0.225   3.926   -8.970  1.00 17.20 ? 2  1AP A "O4'" 1 
HETATM 34  C  "C1'" . 1AP A 1 2 ? 0.245   2.510   -8.939  1.00 14.70 ? 2  1AP A "C1'" 1 
HETATM 35  C  "C2'" . 1AP A 1 2 ? -0.919  1.995   -8.144  1.00 18.02 ? 2  1AP A "C2'" 1 
HETATM 36  C  "C3'" . 1AP A 1 2 ? -1.717  3.252   -7.809  1.00 19.64 ? 2  1AP A "C3'" 1 
HETATM 37  O  "O3'" . 1AP A 1 2 ? -3.128  3.211   -8.086  1.00 21.19 ? 2  1AP A "O3'" 1 
ATOM   38  P  P     . DC  A 1 3 ? -4.297  2.905   -6.826  1.00 30.09 ? 3  DC  A P     1 
ATOM   39  O  OP1   . DC  A 1 3 ? -4.723  1.565   -7.625  1.00 29.77 ? 3  DC  A OP1   1 
ATOM   40  O  OP2   . DC  A 1 3 ? -4.014  4.387   -6.625  1.00 27.04 ? 3  DC  A OP2   1 
ATOM   41  O  "O5'" . DC  A 1 3 ? -3.973  2.065   -5.427  1.00 23.70 ? 3  DC  A "O5'" 1 
ATOM   42  C  "C5'" . DC  A 1 3 ? -5.000  2.340   -4.372  1.00 17.61 ? 3  DC  A "C5'" 1 
ATOM   43  C  "C4'" . DC  A 1 3 ? -4.250  2.238   -3.067  1.00 17.19 ? 3  DC  A "C4'" 1 
ATOM   44  O  "O4'" . DC  A 1 3 ? -3.225  1.255   -3.234  1.00 15.50 ? 3  DC  A "O4'" 1 
ATOM   45  C  "C3'" . DC  A 1 3 ? -3.478  3.413   -2.545  1.00 15.06 ? 3  DC  A "C3'" 1 
ATOM   46  O  "O3'" . DC  A 1 3 ? -3.775  3.653   -1.136  1.00 15.98 ? 3  DC  A "O3'" 1 
ATOM   47  C  "C2'" . DC  A 1 3 ? -1.976  3.014   -2.692  1.00 13.56 ? 3  DC  A "C2'" 1 
ATOM   48  C  "C1'" . DC  A 1 3 ? -1.985  1.549   -2.557  1.00 11.88 ? 3  DC  A "C1'" 1 
ATOM   49  N  N1    . DC  A 1 3 ? -0.880  0.926   -3.277  1.00 10.83 ? 3  DC  A N1    1 
ATOM   50  C  C2    . DC  A 1 3 ? 0.268   0.736   -2.478  1.00 9.12  ? 3  DC  A C2    1 
ATOM   51  O  O2    . DC  A 1 3 ? 0.284   1.152   -1.295  1.00 9.65  ? 3  DC  A O2    1 
ATOM   52  N  N3    . DC  A 1 3 ? 1.356   0.190   -3.120  1.00 10.17 ? 3  DC  A N3    1 
ATOM   53  C  C4    . DC  A 1 3 ? 1.304   -0.262  -4.421  1.00 8.16  ? 3  DC  A C4    1 
ATOM   54  N  N4    . DC  A 1 3 ? 2.270   -0.860  -5.130  1.00 12.74 ? 3  DC  A N4    1 
ATOM   55  C  C5    . DC  A 1 3 ? 0.102   -0.148  -5.150  1.00 7.75  ? 3  DC  A C5    1 
ATOM   56  C  C6    . DC  A 1 3 ? -0.892  0.362   -4.476  1.00 8.06  ? 3  DC  A C6    1 
ATOM   57  P  P     . DG  A 1 4 ? -5.090  4.415   -0.842  1.00 19.92 ? 4  DG  A P     1 
ATOM   58  O  OP1   . DG  A 1 4 ? -5.568  5.316   -1.938  1.00 21.22 ? 4  DG  A OP1   1 
ATOM   59  O  OP2   . DG  A 1 4 ? -5.143  5.206   0.392   1.00 21.63 ? 4  DG  A OP2   1 
ATOM   60  O  "O5'" . DG  A 1 4 ? -6.339  3.431   -0.995  1.00 15.99 ? 4  DG  A "O5'" 1 
ATOM   61  C  "C5'" . DG  A 1 4 ? -6.488  2.180   -0.050  1.00 16.40 ? 4  DG  A "C5'" 1 
ATOM   62  C  "C4'" . DG  A 1 4 ? -7.715  1.523   -0.600  1.00 16.03 ? 4  DG  A "C4'" 1 
ATOM   63  O  "O4'" . DG  A 1 4 ? -7.509  1.234   -1.914  1.00 15.07 ? 4  DG  A "O4'" 1 
ATOM   64  C  "C3'" . DG  A 1 4 ? -8.009  0.148   0.120   1.00 17.29 ? 4  DG  A "C3'" 1 
ATOM   65  O  "O3'" . DG  A 1 4 ? -8.619  0.499   1.303   1.00 20.90 ? 4  DG  A "O3'" 1 
ATOM   66  C  "C2'" . DG  A 1 4 ? -8.696  -0.622  -1.059  1.00 14.94 ? 4  DG  A "C2'" 1 
ATOM   67  C  "C1'" . DG  A 1 4 ? -8.163  -0.011  -2.318  1.00 12.69 ? 4  DG  A "C1'" 1 
ATOM   68  N  N9    . DG  A 1 4 ? -7.068  -0.654  -3.035  1.00 9.22  ? 4  DG  A N9    1 
ATOM   69  C  C8    . DG  A 1 4 ? -7.163  -1.069  -4.289  1.00 8.38  ? 4  DG  A C8    1 
ATOM   70  N  N7    . DG  A 1 4 ? -6.076  -1.654  -4.743  1.00 11.12 ? 4  DG  A N7    1 
ATOM   71  C  C5    . DG  A 1 4 ? -5.224  -1.695  -3.677  1.00 8.75  ? 4  DG  A C5    1 
ATOM   72  C  C6    . DG  A 1 4 ? -3.852  -2.115  -3.637  1.00 8.32  ? 4  DG  A C6    1 
ATOM   73  O  O6    . DG  A 1 4 ? -3.148  -2.660  -4.466  1.00 9.83  ? 4  DG  A O6    1 
ATOM   74  N  N1    . DG  A 1 4 ? -3.269  -1.865  -2.402  1.00 8.85  ? 4  DG  A N1    1 
ATOM   75  C  C2    . DG  A 1 4 ? -3.934  -1.223  -1.344  1.00 7.19  ? 4  DG  A C2    1 
ATOM   76  N  N2    . DG  A 1 4 ? -3.138  -1.092  -0.347  1.00 5.39  ? 4  DG  A N2    1 
ATOM   77  N  N3    . DG  A 1 4 ? -5.176  -0.771  -1.433  1.00 9.35  ? 4  DG  A N3    1 
ATOM   78  C  C4    . DG  A 1 4 ? -5.740  -1.016  -2.616  1.00 9.12  ? 4  DG  A C4    1 
ATOM   79  P  P     . DT  A 1 5 ? -8.972  -0.385  2.564   1.00 32.41 ? 5  DT  A P     1 
ATOM   80  O  OP1   . DT  A 1 5 ? -9.934  -1.357  1.660   1.00 25.69 ? 5  DT  A OP1   1 
ATOM   81  O  OP2   . DT  A 1 5 ? -10.170 0.019   3.498   1.00 28.15 ? 5  DT  A OP2   1 
ATOM   82  O  "O5'" . DT  A 1 5 ? -7.830  -1.151  3.164   1.00 20.72 ? 5  DT  A "O5'" 1 
ATOM   83  C  "C5'" . DT  A 1 5 ? -8.026  -2.309  4.057   1.00 17.12 ? 5  DT  A "C5'" 1 
ATOM   84  C  "C4'" . DT  A 1 5 ? -6.661  -3.049  4.073   1.00 14.66 ? 5  DT  A "C4'" 1 
ATOM   85  O  "O4'" . DT  A 1 5 ? -6.721  -3.866  2.915   1.00 13.84 ? 5  DT  A "O4'" 1 
ATOM   86  C  "C3'" . DT  A 1 5 ? -5.289  -2.329  3.936   1.00 14.94 ? 5  DT  A "C3'" 1 
ATOM   87  O  "O3'" . DT  A 1 5 ? -4.443  -2.804  4.977   1.00 15.04 ? 5  DT  A "O3'" 1 
ATOM   88  C  "C2'" . DT  A 1 5 ? -4.713  -2.582  2.563   1.00 11.91 ? 5  DT  A "C2'" 1 
ATOM   89  C  "C1'" . DT  A 1 5 ? -5.319  -3.876  2.374   1.00 12.85 ? 5  DT  A "C1'" 1 
ATOM   90  N  N1    . DT  A 1 5 ? -5.417  -4.174  0.933   1.00 12.59 ? 5  DT  A N1    1 
ATOM   91  C  C2    . DT  A 1 5 ? -4.246  -4.692  0.335   1.00 11.55 ? 5  DT  A C2    1 
ATOM   92  O  O2    . DT  A 1 5 ? -3.222  -4.721  1.094   1.00 13.19 ? 5  DT  A O2    1 
ATOM   93  N  N3    . DT  A 1 5 ? -4.330  -4.937  -0.945  1.00 11.31 ? 5  DT  A N3    1 
ATOM   94  C  C4    . DT  A 1 5 ? -5.457  -4.746  -1.727  1.00 10.84 ? 5  DT  A C4    1 
ATOM   95  O  O4    . DT  A 1 5 ? -5.466  -5.006  -2.969  1.00 10.96 ? 5  DT  A O4    1 
ATOM   96  C  C5    . DT  A 1 5 ? -6.619  -4.315  -1.043  1.00 12.17 ? 5  DT  A C5    1 
ATOM   97  C  C7    . DT  A 1 5 ? -7.943  -4.146  -1.807  1.00 12.27 ? 5  DT  A C7    1 
ATOM   98  C  C6    . DT  A 1 5 ? -6.584  -4.030  0.234   1.00 11.42 ? 5  DT  A C6    1 
ATOM   99  P  P     . DG  A 1 6 ? -4.474  -2.308  6.444   1.00 19.31 ? 6  DG  A P     1 
ATOM   100 O  OP1   . DG  A 1 6 ? -4.780  -0.906  6.893   1.00 21.59 ? 6  DG  A OP1   1 
ATOM   101 O  OP2   . DG  A 1 6 ? -3.251  -2.991  7.241   1.00 23.36 ? 6  DG  A OP2   1 
ATOM   102 O  "O5'" . DG  A 1 6 ? -5.680  -3.004  7.482   1.00 20.18 ? 6  DG  A "O5'" 1 
ATOM   103 C  "C5'" . DG  A 1 6 ? -5.915  -4.456  7.459   1.00 14.32 ? 6  DG  A "C5'" 1 
ATOM   104 C  "C4'" . DG  A 1 6 ? -7.108  -4.146  8.351   1.00 16.10 ? 6  DG  A "C4'" 1 
ATOM   105 O  "O4'" . DG  A 1 6 ? -8.131  -3.833  7.433   1.00 15.53 ? 6  DG  A "O4'" 1 
ATOM   106 C  "C3'" . DG  A 1 6 ? -7.620  -5.311  9.144   1.00 17.89 ? 6  DG  A "C3'" 1 
ATOM   107 O  "O3'" . DG  A 1 6 ? -8.270  -4.916  10.413  1.00 22.37 ? 6  DG  A "O3'" 1 
ATOM   108 C  "C2'" . DG  A 1 6 ? -8.583  -5.949  8.162   1.00 18.02 ? 6  DG  A "C2'" 1 
ATOM   109 C  "C1'" . DG  A 1 6 ? -9.101  -4.860  7.286   1.00 14.44 ? 6  DG  A "C1'" 1 
ATOM   110 N  N9    . DG  A 1 6 ? -9.258  -5.182  5.865   1.00 13.16 ? 6  DG  A N9    1 
ATOM   111 C  C8    . DG  A 1 6 ? -10.426 -4.970  5.178   1.00 11.07 ? 6  DG  A C8    1 
ATOM   112 N  N7    . DG  A 1 6 ? -10.409 -5.419  3.975   1.00 13.52 ? 6  DG  A N7    1 
ATOM   113 C  C5    . DG  A 1 6 ? -9.148  -5.917  3.822   1.00 12.18 ? 6  DG  A C5    1 
ATOM   114 C  C6    . DG  A 1 6 ? -8.506  -6.447  2.639   1.00 12.04 ? 6  DG  A C6    1 
ATOM   115 O  O6    . DG  A 1 6 ? -9.037  -6.512  1.484   1.00 13.40 ? 6  DG  A O6    1 
ATOM   116 N  N1    . DG  A 1 6 ? -7.253  -6.871  2.900   1.00 11.27 ? 6  DG  A N1    1 
ATOM   117 C  C2    . DG  A 1 6 ? -6.623  -6.681  4.056   1.00 10.58 ? 6  DG  A C2    1 
ATOM   118 N  N2    . DG  A 1 6 ? -5.393  -7.193  4.213   1.00 7.82  ? 6  DG  A N2    1 
ATOM   119 N  N3    . DG  A 1 6 ? -7.167  -6.152  5.142   1.00 12.57 ? 6  DG  A N3    1 
ATOM   120 C  C4    . DG  A 1 6 ? -8.416  -5.727  4.961   1.00 13.12 ? 6  DG  A C4    1 
ATOM   121 O  "O5'" . DC  B 1 1 ? -1.736  -11.169 -2.885  1.00 14.99 ? 7  DC  B "O5'" 1 
ATOM   122 C  "C5'" . DC  B 1 1 ? -0.460  -10.722 -2.609  1.00 7.46  ? 7  DC  B "C5'" 1 
ATOM   123 C  "C4'" . DC  B 1 1 ? -0.553  -9.992  -1.321  1.00 6.17  ? 7  DC  B "C4'" 1 
ATOM   124 O  "O4'" . DC  B 1 1 ? -1.607  -9.040  -1.177  1.00 9.50  ? 7  DC  B "O4'" 1 
ATOM   125 C  "C3'" . DC  B 1 1 ? -0.907  -10.814 -0.154  1.00 6.48  ? 7  DC  B "C3'" 1 
ATOM   126 O  "O3'" . DC  B 1 1 ? 0.066   -10.287 0.804   1.00 8.45  ? 7  DC  B "O3'" 1 
ATOM   127 C  "C2'" . DC  B 1 1 ? -2.330  -10.532 0.264   1.00 8.82  ? 7  DC  B "C2'" 1 
ATOM   128 C  "C1'" . DC  B 1 1 ? -2.426  -9.008  -0.013  1.00 7.40  ? 7  DC  B "C1'" 1 
ATOM   129 N  N1    . DC  B 1 1 ? -3.808  -8.627  -0.224  1.00 7.59  ? 7  DC  B N1    1 
ATOM   130 C  C2    . DC  B 1 1 ? -4.583  -8.232  0.868   1.00 7.65  ? 7  DC  B C2    1 
ATOM   131 O  O2    . DC  B 1 1 ? -4.066  -8.151  1.932   1.00 7.91  ? 7  DC  B O2    1 
ATOM   132 N  N3    . DC  B 1 1 ? -5.904  -7.817  0.627   1.00 7.25  ? 7  DC  B N3    1 
ATOM   133 C  C4    . DC  B 1 1 ? -6.429  -8.014  -0.636  1.00 8.08  ? 7  DC  B C4    1 
ATOM   134 N  N4    . DC  B 1 1 ? -7.742  -7.579  -0.826  1.00 10.58 ? 7  DC  B N4    1 
ATOM   135 C  C5    . DC  B 1 1 ? -5.682  -8.426  -1.739  1.00 8.85  ? 7  DC  B C5    1 
ATOM   136 C  C6    . DC  B 1 1 ? -4.365  -8.696  -1.459  1.00 6.03  ? 7  DC  B C6    1 
HETATM 137 N  N1    . 1AP B 1 2 ? -1.799  -5.919  -1.889  1.00 7.43  ? 8  1AP B N1    1 
HETATM 138 C  C2    . 1AP B 1 2 ? -0.569  -6.142  -1.271  1.00 5.85  ? 8  1AP B C2    1 
HETATM 139 C  C4    . 1AP B 1 2 ? 0.456   -7.159  -2.936  1.00 6.21  ? 8  1AP B C4    1 
HETATM 140 C  C5    . 1AP B 1 2 ? -0.696  -6.986  -3.777  1.00 9.85  ? 8  1AP B C5    1 
HETATM 141 C  C6    . 1AP B 1 2 ? -1.877  -6.362  -3.214  1.00 7.76  ? 8  1AP B C6    1 
HETATM 142 C  C8    . 1AP B 1 2 ? 0.873   -8.039  -4.935  1.00 8.50  ? 8  1AP B C8    1 
HETATM 143 N  N3    . 1AP B 1 2 ? 0.590   -6.704  -1.682  1.00 5.93  ? 8  1AP B N3    1 
HETATM 144 N  N9    . 1AP B 1 2 ? 1.396   -7.725  -3.770  1.00 8.97  ? 8  1AP B N9    1 
HETATM 145 N  N7    . 1AP B 1 2 ? -0.398  -7.565  -4.954  1.00 9.66  ? 8  1AP B N7    1 
HETATM 146 N  N6    . 1AP B 1 2 ? -2.963  -6.246  -3.949  1.00 9.15  ? 8  1AP B N6    1 
HETATM 147 P  P     . 1AP B 1 2 ? 1.370   -10.963 1.313   1.00 12.07 ? 8  1AP B P     1 
HETATM 148 O  OP1   . 1AP B 1 2 ? 1.227   -12.478 1.140   1.00 10.49 ? 8  1AP B OP1   1 
HETATM 149 O  OP2   . 1AP B 1 2 ? 1.919   -10.480 2.555   1.00 16.92 ? 8  1AP B OP2   1 
HETATM 150 O  "O5'" . 1AP B 1 2 ? 2.383   -10.429 0.091   1.00 12.73 ? 8  1AP B "O5'" 1 
HETATM 151 C  "C5'" . 1AP B 1 2 ? 2.574   -8.943  -0.117  1.00 11.98 ? 8  1AP B "C5'" 1 
HETATM 152 C  "C4'" . 1AP B 1 2 ? 3.466   -8.678  -1.264  1.00 12.20 ? 8  1AP B "C4'" 1 
HETATM 153 O  "O4'" . 1AP B 1 2 ? 2.778   -9.080  -2.365  1.00 12.45 ? 8  1AP B "O4'" 1 
HETATM 154 C  "C1'" . 1AP B 1 2 ? 2.771   -8.128  -3.438  1.00 9.19  ? 8  1AP B "C1'" 1 
HETATM 155 C  "C2'" . 1AP B 1 2 ? 3.612   -6.880  -2.985  1.00 13.55 ? 8  1AP B "C2'" 1 
HETATM 156 C  "C3'" . 1AP B 1 2 ? 3.744   -7.198  -1.477  1.00 12.12 ? 8  1AP B "C3'" 1 
HETATM 157 O  "O3'" . 1AP B 1 2 ? 5.097   -6.942  -1.073  1.00 19.31 ? 8  1AP B "O3'" 1 
ATOM   158 P  P     . DC  B 1 3 ? 5.762   -5.788  -0.155  1.00 23.24 ? 9  DC  B P     1 
ATOM   159 O  OP1   . DC  B 1 3 ? 7.161   -5.695  -0.773  1.00 25.41 ? 9  DC  B OP1   1 
ATOM   160 O  OP2   . DC  B 1 3 ? 5.918   -6.549  1.234   1.00 26.03 ? 9  DC  B OP2   1 
ATOM   161 O  "O5'" . DC  B 1 3 ? 4.926   -4.542  0.320   1.00 17.91 ? 9  DC  B "O5'" 1 
ATOM   162 C  "C5'" . DC  B 1 3 ? 5.312   -3.768  1.444   1.00 14.33 ? 9  DC  B "C5'" 1 
ATOM   163 C  "C4'" . DC  B 1 3 ? 4.221   -2.803  1.563   1.00 12.05 ? 9  DC  B "C4'" 1 
ATOM   164 O  "O4'" . DC  B 1 3 ? 3.538   -2.485  0.329   1.00 11.11 ? 9  DC  B "O4'" 1 
ATOM   165 C  "C3'" . DC  B 1 3 ? 3.190   -3.520  2.409   1.00 12.81 ? 9  DC  B "C3'" 1 
ATOM   166 O  "O3'" . DC  B 1 3 ? 2.677   -2.775  3.534   1.00 15.53 ? 9  DC  B "O3'" 1 
ATOM   167 C  "C2'" . DC  B 1 3 ? 2.063   -3.816  1.397   1.00 10.22 ? 9  DC  B "C2'" 1 
ATOM   168 C  "C1'" . DC  B 1 3 ? 2.093   -2.567  0.423   1.00 8.36  ? 9  DC  B "C1'" 1 
ATOM   169 N  N1    . DC  B 1 3 ? 1.519   -2.788  -0.853  1.00 8.93  ? 9  DC  B N1    1 
ATOM   170 C  C2    . DC  B 1 3 ? 0.131   -2.475  -1.076  1.00 7.74  ? 9  DC  B C2    1 
ATOM   171 O  O2    . DC  B 1 3 ? -0.496  -1.933  -0.078  1.00 9.46  ? 9  DC  B O2    1 
ATOM   172 N  N3    . DC  B 1 3 ? -0.467  -2.670  -2.219  1.00 8.26  ? 9  DC  B N3    1 
ATOM   173 C  C4    . DC  B 1 3 ? 0.233   -3.219  -3.273  1.00 6.61  ? 9  DC  B C4    1 
ATOM   174 N  N4    . DC  B 1 3 ? -0.393  -3.440  -4.498  1.00 8.59  ? 9  DC  B N4    1 
ATOM   175 C  C5    . DC  B 1 3 ? 1.591   -3.649  -3.130  1.00 6.18  ? 9  DC  B C5    1 
ATOM   176 C  C6    . DC  B 1 3 ? 2.147   -3.402  -1.923  1.00 8.11  ? 9  DC  B C6    1 
ATOM   177 P  P     . DG  B 1 4 ? 3.557   -2.745  4.839   1.00 16.43 ? 10 DG  B P     1 
ATOM   178 O  OP1   . DG  B 1 4 ? 4.239   -4.012  5.203   1.00 20.75 ? 10 DG  B OP1   1 
ATOM   179 O  OP2   . DG  B 1 4 ? 2.875   -1.848  5.822   1.00 22.48 ? 10 DG  B OP2   1 
ATOM   180 O  "O5'" . DG  B 1 4 ? 4.928   -1.988  4.344   1.00 18.29 ? 10 DG  B "O5'" 1 
ATOM   181 C  "C5'" . DG  B 1 4 ? 4.941   -0.537  4.233   1.00 17.46 ? 10 DG  B "C5'" 1 
ATOM   182 C  "C4'" . DG  B 1 4 ? 6.319   -0.120  3.840   1.00 15.56 ? 10 DG  B "C4'" 1 
ATOM   183 O  "O4'" . DG  B 1 4 ? 6.845   -0.881  2.807   1.00 16.30 ? 10 DG  B "O4'" 1 
ATOM   184 C  "C3'" . DG  B 1 4 ? 6.225   1.300   3.291   1.00 16.18 ? 10 DG  B "C3'" 1 
ATOM   185 O  "O3'" . DG  B 1 4 ? 6.450   2.037   4.451   1.00 17.86 ? 10 DG  B "O3'" 1 
ATOM   186 C  "C2'" . DG  B 1 4 ? 7.342   1.368   2.331   1.00 15.20 ? 10 DG  B "C2'" 1 
ATOM   187 C  "C1'" . DG  B 1 4 ? 7.530   -0.069  1.868   1.00 15.05 ? 10 DG  B "C1'" 1 
ATOM   188 N  N9    . DG  B 1 4 ? 6.990   -0.269  0.515   1.00 15.34 ? 10 DG  B N9    1 
ATOM   189 C  C8    . DG  B 1 4 ? 7.594   -0.868  -0.495  1.00 13.79 ? 10 DG  B C8    1 
ATOM   190 N  N7    . DG  B 1 4 ? 6.933   -0.997  -1.665  1.00 15.27 ? 10 DG  B N7    1 
ATOM   191 C  C5    . DG  B 1 4 ? 5.732   -0.403  -1.244  1.00 13.97 ? 10 DG  B C5    1 
ATOM   192 C  C6    . DG  B 1 4 ? 4.607   -0.296  -2.105  1.00 13.36 ? 10 DG  B C6    1 
ATOM   193 O  O6    . DG  B 1 4 ? 4.474   -0.622  -3.285  1.00 14.30 ? 10 DG  B O6    1 
ATOM   194 N  N1    . DG  B 1 4 ? 3.550   0.310   -1.473  1.00 12.79 ? 10 DG  B N1    1 
ATOM   195 C  C2    . DG  B 1 4 ? 3.676   0.657   -0.186  1.00 12.55 ? 10 DG  B C2    1 
ATOM   196 N  N2    . DG  B 1 4 ? 2.535   1.192   0.113   1.00 9.47  ? 10 DG  B N2    1 
ATOM   197 N  N3    . DG  B 1 4 ? 4.684   0.598   0.717   1.00 13.93 ? 10 DG  B N3    1 
ATOM   198 C  C4    . DG  B 1 4 ? 5.724   0.027   0.031   1.00 13.48 ? 10 DG  B C4    1 
ATOM   199 P  P     . DT  B 1 5 ? 5.499   3.279   5.001   1.00 23.62 ? 11 DT  B P     1 
ATOM   200 O  OP1   . DT  B 1 5 ? 6.504   3.887   5.982   1.00 23.40 ? 11 DT  B OP1   1 
ATOM   201 O  OP2   . DT  B 1 5 ? 4.079   3.069   5.417   1.00 18.33 ? 11 DT  B OP2   1 
ATOM   202 O  "O5'" . DT  B 1 5 ? 5.855   4.360   3.676   1.00 14.04 ? 11 DT  B "O5'" 1 
ATOM   203 C  "C5'" . DT  B 1 5 ? 5.361   5.682   3.972   1.00 10.73 ? 11 DT  B "C5'" 1 
ATOM   204 C  "C4'" . DT  B 1 5 ? 4.498   6.155   2.878   1.00 11.11 ? 11 DT  B "C4'" 1 
ATOM   205 O  "O4'" . DT  B 1 5 ? 4.942   5.930   1.526   1.00 8.09  ? 11 DT  B "O4'" 1 
ATOM   206 C  "C3'" . DT  B 1 5 ? 3.211   5.432   2.923   1.00 10.65 ? 11 DT  B "C3'" 1 
ATOM   207 O  "O3'" . DT  B 1 5 ? 2.231   6.422   2.634   1.00 13.99 ? 11 DT  B "O3'" 1 
ATOM   208 C  "C2'" . DT  B 1 5 ? 3.327   4.469   1.780   1.00 10.81 ? 11 DT  B "C2'" 1 
ATOM   209 C  "C1'" . DT  B 1 5 ? 3.922   5.370   0.739   1.00 9.72  ? 11 DT  B "C1'" 1 
ATOM   210 N  N1    . DT  B 1 5 ? 4.628   4.551   -0.297  1.00 8.73  ? 11 DT  B N1    1 
ATOM   211 C  C2    . DT  B 1 5 ? 4.017   4.215   -1.462  1.00 7.35  ? 11 DT  B C2    1 
ATOM   212 O  O2    . DT  B 1 5 ? 2.844   4.593   -1.647  1.00 8.19  ? 11 DT  B O2    1 
ATOM   213 N  N3    . DT  B 1 5 ? 4.686   3.513   -2.407  1.00 6.98  ? 11 DT  B N3    1 
ATOM   214 C  C4    . DT  B 1 5 ? 5.964   3.137   -2.095  1.00 7.29  ? 11 DT  B C4    1 
ATOM   215 O  O4    . DT  B 1 5 ? 6.559   2.378   -2.913  1.00 11.62 ? 11 DT  B O4    1 
ATOM   216 C  C5    . DT  B 1 5 ? 6.541   3.439   -0.864  1.00 8.67  ? 11 DT  B C5    1 
ATOM   217 C  C7    . DT  B 1 5 ? 8.045   2.965   -0.639  1.00 10.61 ? 11 DT  B C7    1 
ATOM   218 C  C6    . DT  B 1 5 ? 5.903   4.191   0.057   1.00 8.31  ? 11 DT  B C6    1 
ATOM   219 P  P     . DG  B 1 6 ? 1.376   6.998   3.917   1.00 16.87 ? 12 DG  B P     1 
ATOM   220 O  OP1   . DG  B 1 6 ? 1.108   6.111   4.983   1.00 21.21 ? 12 DG  B OP1   1 
ATOM   221 O  OP2   . DG  B 1 6 ? 0.307   7.879   3.207   1.00 17.75 ? 12 DG  B OP2   1 
ATOM   222 O  "O5'" . DG  B 1 6 ? 2.510   8.011   4.644   1.00 18.77 ? 12 DG  B "O5'" 1 
ATOM   223 C  "C5'" . DG  B 1 6 ? 2.604   9.374   4.041   1.00 13.91 ? 12 DG  B "C5'" 1 
ATOM   224 C  "C4'" . DG  B 1 6 ? 3.735   9.874   4.813   1.00 14.64 ? 12 DG  B "C4'" 1 
ATOM   225 O  "O4'" . DG  B 1 6 ? 4.938   9.114   4.513   1.00 15.71 ? 12 DG  B "O4'" 1 
ATOM   226 C  "C3'" . DG  B 1 6 ? 4.075   11.345  4.568   1.00 16.55 ? 12 DG  B "C3'" 1 
ATOM   227 O  "O3'" . DG  B 1 6 ? 4.442   11.972  5.853   1.00 20.33 ? 12 DG  B "O3'" 1 
ATOM   228 C  "C2'" . DG  B 1 6 ? 5.185   11.197  3.556   1.00 14.64 ? 12 DG  B "C2'" 1 
ATOM   229 C  "C1'" . DG  B 1 6 ? 5.987   10.013  4.159   1.00 13.39 ? 12 DG  B "C1'" 1 
ATOM   230 N  N9    . DG  B 1 6 ? 6.803   9.283   3.239   1.00 11.74 ? 12 DG  B N9    1 
ATOM   231 C  C8    . DG  B 1 6 ? 8.024   8.867   3.403   1.00 12.30 ? 12 DG  B C8    1 
ATOM   232 N  N7    . DG  B 1 6 ? 8.490   8.254   2.260   1.00 13.78 ? 12 DG  B N7    1 
ATOM   233 C  C5    . DG  B 1 6 ? 7.508   8.262   1.347   1.00 12.01 ? 12 DG  B C5    1 
ATOM   234 C  C6    . DG  B 1 6 ? 7.373   7.725   0.061   1.00 12.68 ? 12 DG  B C6    1 
ATOM   235 O  O6    . DG  B 1 6 ? 8.189   7.133   -0.652  1.00 13.85 ? 12 DG  B O6    1 
ATOM   236 N  N1    . DG  B 1 6 ? 6.182   7.928   -0.562  1.00 12.43 ? 12 DG  B N1    1 
ATOM   237 C  C2    . DG  B 1 6 ? 5.241   8.643   0.133   1.00 12.10 ? 12 DG  B C2    1 
ATOM   238 N  N2    . DG  B 1 6 ? 4.072   8.817   -0.532  1.00 14.80 ? 12 DG  B N2    1 
ATOM   239 N  N3    . DG  B 1 6 ? 5.271   9.161   1.329   1.00 12.36 ? 12 DG  B N3    1 
ATOM   240 C  C4    . DG  B 1 6 ? 6.415   8.893   1.943   1.00 11.91 ? 12 DG  B C4    1 
HETATM 241 N  N     . NH2 C 2 . ? 1.494   3.969   -3.921  1.00 11.56 ? 7  NH2 A N     1 
HETATM 242 MG MG    . MG  D 3 . ? 7.058   -2.955  -4.886  1.00 46.97 ? 13 MG  B MG    1 
HETATM 243 N  N     . NH2 E 2 . ? -0.654  -5.607  -0.103  1.00 7.77  ? 14 NH2 B N     1 
HETATM 244 O  O     . HOH F 4 . ? -2.981  1.570   8.029   1.00 41.94 ? 16 HOH A O     1 
HETATM 245 O  O     . HOH F 4 . ? -12.859 1.316   4.396   1.00 52.93 ? 22 HOH A O     1 
HETATM 246 O  O     . HOH F 4 . ? -3.353  5.872   3.008   1.00 44.22 ? 23 HOH A O     1 
HETATM 247 O  O     . HOH F 4 . ? -0.354  2.995   0.079   1.00 20.33 ? 24 HOH A O     1 
HETATM 248 O  O     . HOH F 4 . ? -4.048  6.463   -5.122  1.00 52.35 ? 25 HOH A O     1 
HETATM 249 O  O     . HOH F 4 . ? -7.255  5.364   -6.203  1.00 42.54 ? 27 HOH A O     1 
HETATM 250 O  O     . HOH F 4 . ? -6.786  4.637   2.955   1.00 40.28 ? 30 HOH A O     1 
HETATM 251 O  O     . HOH F 4 . ? -0.999  -4.751  4.356   1.00 27.28 ? 34 HOH A O     1 
HETATM 252 O  O     . HOH F 4 . ? 0.057   -3.486  9.408   1.00 54.31 ? 35 HOH A O     1 
HETATM 253 O  O     . HOH F 4 . ? -9.898  4.326   -3.317  1.00 49.94 ? 40 HOH A O     1 
HETATM 254 O  O     . HOH F 4 . ? 2.240   11.427  -7.434  1.00 28.56 ? 41 HOH A O     1 
HETATM 255 O  O     . HOH F 4 . ? -4.255  -6.261  7.410   1.00 30.29 ? 42 HOH A O     1 
HETATM 256 O  O     . HOH F 4 . ? -6.432  -0.348  -6.937  1.00 41.43 ? 44 HOH A O     1 
HETATM 257 O  O     . HOH F 4 . ? -6.008  0.358   9.828   1.00 41.59 ? 45 HOH A O     1 
HETATM 258 O  O     . HOH F 4 . ? -3.533  0.543   4.357   1.00 41.96 ? 46 HOH A O     1 
HETATM 259 O  O     . HOH F 4 . ? -7.574  5.902   -4.019  1.00 33.07 ? 47 HOH A O     1 
HETATM 260 O  O     . HOH F 4 . ? -8.315  3.143   -4.731  1.00 18.51 ? 48 HOH A O     1 
HETATM 261 O  O     . HOH F 4 . ? -0.786  3.192   1.603   1.00 34.71 ? 53 HOH A O     1 
HETATM 262 O  O     . HOH F 4 . ? -12.608 2.946   1.639   1.00 52.14 ? 54 HOH A O     1 
HETATM 263 O  O     . HOH F 4 . ? -4.122  7.862   -2.304  1.00 37.27 ? 55 HOH A O     1 
HETATM 264 O  O     . HOH F 4 . ? 5.541   8.069   -10.732 1.00 38.29 ? 57 HOH A O     1 
HETATM 265 O  O     . HOH F 4 . ? -4.663  0.888   1.778   1.00 29.48 ? 58 HOH A O     1 
HETATM 266 O  O     . HOH F 4 . ? -2.247  6.881   -3.433  1.00 34.49 ? 59 HOH A O     1 
HETATM 267 O  O     . HOH F 4 . ? -0.428  5.916   -3.666  1.00 38.97 ? 61 HOH A O     1 
HETATM 268 O  O     . HOH F 4 . ? -1.001  6.418   -0.669  1.00 40.99 ? 62 HOH A O     1 
HETATM 269 O  O     . HOH F 4 . ? 4.794   9.679   -11.888 1.00 45.94 ? 65 HOH A O     1 
HETATM 270 O  O     . HOH F 4 . ? -3.105  9.687   -4.172  1.00 51.74 ? 66 HOH A O     1 
HETATM 271 O  O     . HOH F 4 . ? -4.134  -0.803  11.158  1.00 44.76 ? 67 HOH A O     1 
HETATM 272 O  O     . HOH F 4 . ? -2.996  3.419   1.855   1.00 28.03 ? 68 HOH A O     1 
HETATM 273 O  O     . HOH F 4 . ? -0.967  -3.700  6.872   1.00 27.06 ? 70 HOH A O     1 
HETATM 274 O  O     . HOH F 4 . ? -3.739  12.564  -6.037  1.00 59.67 ? 71 HOH A O     1 
HETATM 275 O  O     . HOH F 4 . ? -8.775  1.754   5.640   1.00 50.55 ? 72 HOH A O     1 
HETATM 276 O  O     . HOH F 4 . ? -10.407 3.775   0.431   1.00 33.19 ? 73 HOH A O     1 
HETATM 277 O  O     . HOH F 4 . ? -0.219  -0.453  9.423   1.00 54.08 ? 75 HOH A O     1 
HETATM 278 O  O     . HOH F 4 . ? -1.894  1.044   10.073  1.00 49.38 ? 77 HOH A O     1 
HETATM 279 O  O     . HOH F 4 . ? -5.333  5.430   -9.417  1.00 55.48 ? 81 HOH A O     1 
HETATM 280 O  O     . HOH F 4 . ? -10.520 3.084   4.086   1.00 45.16 ? 83 HOH A O     1 
HETATM 281 O  O     . HOH F 4 . ? -5.334  1.509   6.512   1.00 31.49 ? 84 HOH A O     1 
HETATM 282 O  O     . HOH F 4 . ? -6.172  7.746   1.480   1.00 45.64 ? 86 HOH A O     1 
HETATM 283 O  O     . HOH F 4 . ? -6.533  2.357   8.566   1.00 35.49 ? 89 HOH A O     1 
HETATM 284 O  O     . HOH G 4 . ? 3.086   1.238   7.271   1.00 51.54 ? 15 HOH B O     1 
HETATM 285 O  O     . HOH G 4 . ? 2.067   1.600   3.154   1.00 11.87 ? 16 HOH B O     1 
HETATM 286 O  O     . HOH G 4 . ? 2.928   -5.584  -4.388  1.00 39.80 ? 17 HOH B O     1 
HETATM 287 O  O     . HOH G 4 . ? 0.155   -1.414  3.149   1.00 25.93 ? 18 HOH B O     1 
HETATM 288 O  O     . HOH G 4 . ? 9.562   -7.151  -1.123  1.00 30.08 ? 19 HOH B O     1 
HETATM 289 O  O     . HOH G 4 . ? 0.624   -6.595  2.469   1.00 26.85 ? 20 HOH B O     1 
HETATM 290 O  O     . HOH G 4 . ? 1.624   -5.955  5.368   1.00 20.89 ? 21 HOH B O     1 
HETATM 291 O  O     . HOH G 4 . ? 0.089   3.267   4.285   1.00 27.92 ? 26 HOH B O     1 
HETATM 292 O  O     . HOH G 4 . ? -1.770  -12.927 4.430   1.00 23.87 ? 28 HOH B O     1 
HETATM 293 O  O     . HOH G 4 . ? 9.807   0.025   6.752   1.00 21.32 ? 29 HOH B O     1 
HETATM 294 O  O     . HOH G 4 . ? 4.376   2.899   9.721   1.00 23.69 ? 31 HOH B O     1 
HETATM 295 O  O     . HOH G 4 . ? -2.419  -8.173  3.414   1.00 45.51 ? 32 HOH B O     1 
HETATM 296 O  O     . HOH G 4 . ? 3.231   -13.502 3.950   1.00 52.60 ? 33 HOH B O     1 
HETATM 297 O  O     . HOH G 4 . ? 7.754   2.731   7.640   1.00 48.55 ? 36 HOH B O     1 
HETATM 298 O  O     . HOH G 4 . ? 1.330   9.534   0.172   1.00 36.52 ? 37 HOH B O     1 
HETATM 299 O  O     . HOH G 4 . ? -0.711  4.169   6.304   1.00 25.99 ? 38 HOH B O     1 
HETATM 300 O  O     . HOH G 4 . ? 2.704   -1.529  8.667   1.00 45.86 ? 39 HOH B O     1 
HETATM 301 O  O     . HOH G 4 . ? -0.981  0.039   1.559   1.00 43.12 ? 43 HOH B O     1 
HETATM 302 O  O     . HOH G 4 . ? 11.561  0.721   0.378   1.00 33.15 ? 49 HOH B O     1 
HETATM 303 O  O     . HOH G 4 . ? -3.341  -8.949  -5.049  1.00 51.39 ? 50 HOH B O     1 
HETATM 304 O  O     . HOH G 4 . ? 5.158   -6.335  4.226   1.00 19.49 ? 51 HOH B O     1 
HETATM 305 O  O     . HOH G 4 . ? 3.696   -8.021  4.505   1.00 38.23 ? 52 HOH B O     1 
HETATM 306 O  O     . HOH G 4 . ? -0.513  -0.204  5.712   1.00 43.43 ? 56 HOH B O     1 
HETATM 307 O  O     . HOH G 4 . ? 11.026  -2.436  0.321   1.00 29.26 ? 60 HOH B O     1 
HETATM 308 O  O     . HOH G 4 . ? 0.290   11.189  5.533   1.00 38.99 ? 63 HOH B O     1 
HETATM 309 O  O     . HOH G 4 . ? 2.144   3.998   6.411   1.00 26.22 ? 64 HOH B O     1 
HETATM 310 O  O     . HOH G 4 . ? 6.779   0.358   8.050   1.00 49.70 ? 69 HOH B O     1 
HETATM 311 O  O     . HOH G 4 . ? 4.152   -0.922  10.199  1.00 40.70 ? 74 HOH B O     1 
HETATM 312 O  O     . HOH G 4 . ? 4.121   -8.857  -5.933  1.00 35.41 ? 76 HOH B O     1 
HETATM 313 O  O     . HOH G 4 . ? -1.640  8.567   4.905   1.00 39.75 ? 78 HOH B O     1 
HETATM 314 O  O     . HOH G 4 . ? 10.903  2.696   4.468   1.00 26.27 ? 79 HOH B O     1 
HETATM 315 O  O     . HOH G 4 . ? 8.106   3.999   2.911   1.00 37.84 ? 80 HOH B O     1 
HETATM 316 O  O     . HOH G 4 . ? 10.211  -2.129  -1.804  1.00 45.64 ? 82 HOH B O     1 
HETATM 317 O  O     . HOH G 4 . ? 2.506   -6.888  2.190   1.00 43.63 ? 85 HOH B O     1 
HETATM 318 O  O     . HOH G 4 . ? 9.610   0.171   3.020   1.00 52.89 ? 87 HOH B O     1 
HETATM 319 O  O     . HOH G 4 . ? 0.312   4.123   9.417   1.00 34.84 ? 88 HOH B O     1 
HETATM 320 O  O     . HOH G 4 . ? -0.451  -14.689 2.647   1.00 44.87 ? 90 HOH B O     1 
HETATM 321 O  O     . HOH G 4 . ? 6.444   -1.333  -5.851  1.00 46.71 ? 91 HOH B O     1 
HETATM 322 O  O     . HOH G 4 . ? 7.343   -5.181  -3.912  1.00 47.29 ? 92 HOH B O     1 
HETATM 323 O  O     . HOH G 4 . ? 8.901   -2.580  -5.342  1.00 46.40 ? 93 HOH B O     1 
HETATM 324 O  O     . HOH G 4 . ? 5.155   -3.328  -4.102  1.00 46.05 ? 94 HOH B O     1 
HETATM 325 O  O     . HOH G 4 . ? 11.350  6.099   -0.779  1.00 45.52 ? 95 HOH B O     1 
HETATM 326 O  O     . HOH G 4 . ? 7.355   -2.034  -3.129  1.00 44.72 ? 96 HOH B O     1 
# 
